data_3HE1
#
_entry.id   3HE1
#
_cell.length_a   141.219
_cell.length_b   141.219
_cell.length_c   105.052
_cell.angle_alpha   90.000
_cell.angle_beta   90.000
_cell.angle_gamma   120.000
#
_symmetry.space_group_name_H-M   'P 3 1 2'
#
loop_
_entity.id
_entity.type
_entity.pdbx_description
1 polymer 'Major exported Hcp3 protein'
2 non-polymer GLYCEROL
3 water water
#
_entity_poly.entity_id   1
_entity_poly.type   'polypeptide(L)'
_entity_poly.pdbx_seq_one_letter_code
;(MSE)GSSHHHHHHSSGRENLYFQGH(MSE)ATPAY(MSE)SITGTKQGLITAGAFTEDSVGNTYQEGHEDQV(MSE)VQ
GFNHEVIIPRDPQSGQPTGQRVHKPVVITKVFDKASPLLLAALTSGERLTKVEIQWYRTSAAGTQEHYYTTVLEDAIIVD
IKDY(MSE)HNCQDPGNAHFTHLEDVHFTYRKITWTHEVSGTSGSDDWRSPVAGS
;
_entity_poly.pdbx_strand_id   A,B,C,D,E,F
#
# COMPACT_ATOMS: atom_id res chain seq x y z
N ALA A 24 7.40 -27.85 -15.37
CA ALA A 24 7.95 -29.19 -15.12
C ALA A 24 8.90 -29.19 -13.92
N THR A 25 10.10 -28.67 -14.16
CA THR A 25 11.07 -28.51 -13.08
C THR A 25 11.32 -27.02 -12.87
N PRO A 26 10.28 -26.27 -12.45
CA PRO A 26 10.41 -24.82 -12.24
C PRO A 26 10.74 -24.56 -10.78
N ALA A 27 11.18 -23.35 -10.50
CA ALA A 27 11.37 -22.89 -9.14
C ALA A 27 10.25 -21.90 -8.86
N TYR A 28 9.89 -21.74 -7.59
CA TYR A 28 8.93 -20.71 -7.21
C TYR A 28 9.60 -19.90 -6.12
N SER A 30 9.52 -16.45 -3.11
CA SER A 30 8.75 -15.55 -2.29
C SER A 30 9.67 -14.41 -1.93
N ILE A 31 9.10 -13.22 -1.90
CA ILE A 31 9.83 -12.09 -1.39
C ILE A 31 9.05 -11.37 -0.31
N THR A 32 9.73 -11.09 0.80
CA THR A 32 9.18 -10.23 1.84
C THR A 32 10.13 -9.04 1.97
N GLY A 33 9.59 -7.84 1.73
CA GLY A 33 10.38 -6.63 1.83
C GLY A 33 10.09 -5.89 3.13
N THR A 34 11.12 -5.30 3.71
CA THR A 34 10.95 -4.55 4.95
C THR A 34 9.83 -3.53 4.84
N LYS A 35 9.69 -2.92 3.68
CA LYS A 35 8.69 -1.89 3.46
C LYS A 35 7.38 -2.44 2.90
N GLN A 36 7.48 -3.36 1.94
CA GLN A 36 6.33 -3.83 1.20
C GLN A 36 5.67 -5.11 1.70
N GLY A 37 6.28 -5.78 2.68
CA GLY A 37 5.72 -7.04 3.16
C GLY A 37 6.00 -8.16 2.17
N LEU A 38 5.03 -9.05 1.96
CA LEU A 38 5.17 -10.16 1.02
C LEU A 38 4.92 -9.63 -0.39
N ILE A 39 5.98 -9.53 -1.17
CA ILE A 39 5.93 -8.87 -2.46
C ILE A 39 5.35 -9.82 -3.51
N THR A 40 5.42 -11.12 -3.22
CA THR A 40 4.98 -12.13 -4.17
C THR A 40 3.56 -12.60 -3.85
N ALA A 41 2.88 -11.90 -2.94
CA ALA A 41 1.52 -12.24 -2.53
C ALA A 41 0.49 -12.16 -3.67
N GLY A 42 -0.19 -13.27 -3.95
CA GLY A 42 -1.17 -13.30 -5.01
C GLY A 42 -0.56 -13.08 -6.39
N ALA A 43 0.75 -13.29 -6.48
CA ALA A 43 1.51 -13.04 -7.68
C ALA A 43 1.58 -14.20 -8.68
N PHE A 44 1.27 -15.43 -8.24
CA PHE A 44 1.07 -16.52 -9.21
C PHE A 44 -0.39 -16.98 -9.18
N THR A 45 -1.20 -16.21 -9.89
CA THR A 45 -2.64 -16.37 -9.92
C THR A 45 -3.14 -16.03 -11.32
N GLU A 46 -4.37 -16.37 -11.63
CA GLU A 46 -4.96 -16.01 -12.92
C GLU A 46 -4.80 -14.52 -13.23
N ASP A 47 -5.20 -13.68 -12.28
CA ASP A 47 -5.05 -12.24 -12.45
C ASP A 47 -3.61 -11.88 -12.78
N SER A 48 -2.66 -12.38 -11.99
CA SER A 48 -1.27 -11.98 -12.14
C SER A 48 -0.56 -12.55 -13.36
N VAL A 49 -0.76 -13.84 -13.64
CA VAL A 49 -0.02 -14.47 -14.74
C VAL A 49 -0.90 -14.83 -15.94
N GLY A 50 -2.21 -14.87 -15.74
CA GLY A 50 -3.11 -15.18 -16.84
C GLY A 50 -3.11 -16.66 -17.16
N ASN A 51 -3.02 -17.00 -18.44
CA ASN A 51 -3.13 -18.40 -18.86
C ASN A 51 -2.00 -19.30 -18.32
N THR A 52 -0.99 -18.68 -17.72
CA THR A 52 0.17 -19.39 -17.19
C THR A 52 -0.13 -20.05 -15.85
N TYR A 53 -1.22 -19.63 -15.23
CA TYR A 53 -1.55 -20.00 -13.85
C TYR A 53 -1.73 -21.50 -13.62
N GLN A 54 -1.03 -22.00 -12.60
CA GLN A 54 -1.28 -23.31 -12.05
C GLN A 54 -1.43 -23.13 -10.55
N GLU A 55 -2.43 -23.79 -9.98
CA GLU A 55 -2.71 -23.68 -8.55
C GLU A 55 -1.60 -24.29 -7.71
N GLY A 56 -1.46 -23.79 -6.48
CA GLY A 56 -0.51 -24.36 -5.54
C GLY A 56 0.65 -23.44 -5.15
N HIS A 57 0.76 -22.28 -5.81
CA HIS A 57 1.89 -21.41 -5.55
C HIS A 57 1.47 -19.95 -5.68
N GLU A 58 0.23 -19.69 -5.26
CA GLU A 58 -0.43 -18.40 -5.44
C GLU A 58 0.32 -17.21 -4.83
N ASP A 59 1.13 -17.45 -3.80
CA ASP A 59 1.82 -16.35 -3.14
C ASP A 59 3.30 -16.36 -3.45
N GLN A 60 3.63 -17.02 -4.55
CA GLN A 60 4.98 -16.98 -5.08
C GLN A 60 5.00 -16.48 -6.51
N VAL A 61 6.20 -16.43 -7.04
CA VAL A 61 6.44 -16.07 -8.43
C VAL A 61 7.14 -17.25 -9.13
N VAL A 63 9.74 -18.80 -11.22
CA VAL A 63 11.10 -18.52 -11.68
C VAL A 63 11.49 -19.38 -12.87
N GLN A 64 11.76 -18.74 -14.00
CA GLN A 64 12.12 -19.43 -15.23
C GLN A 64 13.62 -19.30 -15.56
N GLY A 65 14.38 -18.71 -14.64
CA GLY A 65 15.83 -18.59 -14.80
C GLY A 65 16.54 -18.63 -13.46
N PHE A 66 17.83 -18.92 -13.48
CA PHE A 66 18.65 -18.86 -12.28
C PHE A 66 20.14 -18.90 -12.63
N ASN A 67 20.92 -18.04 -12.00
CA ASN A 67 22.38 -18.00 -12.15
C ASN A 67 22.99 -17.45 -10.84
N HIS A 68 24.06 -18.07 -10.40
CA HIS A 68 24.76 -17.61 -9.21
C HIS A 68 26.13 -18.22 -9.14
N GLU A 69 27.08 -17.53 -8.52
CA GLU A 69 28.41 -18.07 -8.45
C GLU A 69 29.22 -17.55 -7.30
N VAL A 70 29.84 -18.49 -6.61
CA VAL A 70 30.78 -18.21 -5.55
C VAL A 70 32.17 -18.67 -6.02
N ILE A 71 33.18 -17.84 -5.83
CA ILE A 71 34.49 -18.20 -6.32
C ILE A 71 35.60 -17.95 -5.29
N ILE A 72 36.72 -18.63 -5.52
CA ILE A 72 37.96 -18.36 -4.80
C ILE A 72 38.91 -17.74 -5.83
N PRO A 73 39.26 -16.45 -5.63
CA PRO A 73 40.19 -15.74 -6.50
C PRO A 73 41.54 -16.45 -6.60
N ARG A 85 36.47 -16.22 0.16
CA ARG A 85 35.56 -16.43 -0.96
C ARG A 85 34.88 -15.14 -1.38
N VAL A 86 34.36 -15.11 -2.60
CA VAL A 86 33.71 -13.93 -3.14
C VAL A 86 32.36 -14.34 -3.73
N HIS A 87 31.26 -13.85 -3.16
CA HIS A 87 29.95 -14.15 -3.73
C HIS A 87 29.60 -13.24 -4.89
N LYS A 88 28.81 -13.78 -5.83
CA LYS A 88 28.25 -13.01 -6.94
C LYS A 88 26.75 -12.88 -6.77
N PRO A 89 26.15 -11.82 -7.33
CA PRO A 89 24.71 -11.58 -7.09
C PRO A 89 23.88 -12.75 -7.54
N VAL A 90 22.75 -12.99 -6.88
CA VAL A 90 21.85 -14.05 -7.33
C VAL A 90 20.98 -13.50 -8.45
N VAL A 91 20.76 -14.32 -9.47
CA VAL A 91 20.11 -13.84 -10.69
C VAL A 91 18.97 -14.74 -11.09
N ILE A 92 17.75 -14.26 -10.95
CA ILE A 92 16.61 -15.07 -11.36
C ILE A 92 15.94 -14.47 -12.61
N THR A 93 15.00 -15.21 -13.18
CA THR A 93 14.26 -14.74 -14.33
C THR A 93 12.81 -15.13 -14.12
N LYS A 94 11.90 -14.23 -14.46
CA LYS A 94 10.48 -14.46 -14.34
C LYS A 94 9.80 -13.88 -15.59
N VAL A 95 8.48 -13.93 -15.65
CA VAL A 95 7.72 -13.19 -16.67
C VAL A 95 7.10 -11.93 -16.01
N PHE A 96 6.61 -10.98 -16.80
CA PHE A 96 5.95 -9.79 -16.27
C PHE A 96 4.78 -10.26 -15.40
N ASP A 97 4.54 -9.60 -14.26
CA ASP A 97 3.47 -10.04 -13.35
C ASP A 97 3.06 -8.99 -12.29
N LYS A 98 2.28 -9.43 -11.31
CA LYS A 98 1.82 -8.55 -10.23
C LYS A 98 2.95 -7.98 -9.37
N ALA A 99 3.99 -8.80 -9.15
CA ALA A 99 5.15 -8.40 -8.36
C ALA A 99 6.01 -7.37 -9.08
N SER A 100 6.05 -7.48 -10.41
CA SER A 100 7.04 -6.78 -11.23
C SER A 100 7.12 -5.29 -10.95
N PRO A 101 5.96 -4.60 -10.91
CA PRO A 101 6.01 -3.16 -10.62
C PRO A 101 6.49 -2.95 -9.21
N LEU A 102 6.25 -3.93 -8.35
CA LEU A 102 6.69 -3.86 -6.98
C LEU A 102 8.20 -4.00 -6.88
N LEU A 103 8.75 -4.99 -7.59
CA LEU A 103 10.18 -5.27 -7.57
C LEU A 103 10.99 -4.08 -8.01
N LEU A 104 10.48 -3.36 -9.01
CA LEU A 104 11.12 -2.13 -9.45
C LEU A 104 11.07 -1.12 -8.33
N ALA A 105 9.91 -0.97 -7.70
CA ALA A 105 9.83 -0.06 -6.57
C ALA A 105 10.95 -0.44 -5.62
N ALA A 106 11.03 -1.73 -5.30
CA ALA A 106 12.08 -2.24 -4.44
C ALA A 106 13.45 -1.77 -4.93
N LEU A 107 13.75 -2.06 -6.19
CA LEU A 107 15.06 -1.75 -6.74
C LEU A 107 15.36 -0.27 -6.62
N THR A 108 14.50 0.57 -7.19
CA THR A 108 14.71 2.02 -7.23
C THR A 108 14.61 2.68 -5.85
N SER A 109 14.04 1.95 -4.89
CA SER A 109 13.90 2.50 -3.56
C SER A 109 15.12 2.18 -2.70
N GLY A 110 15.89 1.16 -3.12
CA GLY A 110 16.98 0.66 -2.29
C GLY A 110 16.51 -0.15 -1.07
N GLU A 111 15.32 -0.72 -1.18
CA GLU A 111 14.68 -1.43 -0.07
C GLU A 111 15.31 -2.79 0.24
N ARG A 112 15.75 -2.97 1.49
CA ARG A 112 16.30 -4.25 1.94
CA ARG A 112 16.29 -4.24 1.95
C ARG A 112 15.21 -5.32 1.95
N LEU A 113 15.50 -6.45 1.29
CA LEU A 113 14.60 -7.58 1.24
C LEU A 113 14.84 -8.51 2.44
N THR A 114 13.93 -8.54 3.40
CA THR A 114 14.13 -9.41 4.58
C THR A 114 14.38 -10.89 4.23
N LYS A 115 13.60 -11.41 3.28
CA LYS A 115 13.81 -12.79 2.82
C LYS A 115 13.37 -13.00 1.38
N VAL A 116 14.31 -13.46 0.56
CA VAL A 116 14.02 -14.01 -0.76
C VAL A 116 14.29 -15.49 -0.63
N GLU A 117 13.32 -16.31 -1.02
CA GLU A 117 13.46 -17.74 -0.83
C GLU A 117 13.00 -18.46 -2.06
N ILE A 118 13.95 -19.16 -2.68
CA ILE A 118 13.78 -19.88 -3.94
C ILE A 118 13.59 -21.37 -3.71
N GLN A 119 12.45 -21.88 -4.13
CA GLN A 119 12.12 -23.27 -3.90
C GLN A 119 12.20 -24.07 -5.19
N TRP A 120 13.00 -25.12 -5.17
CA TRP A 120 13.27 -25.89 -6.36
C TRP A 120 12.37 -27.14 -6.47
N TYR A 121 11.87 -27.38 -7.69
CA TYR A 121 10.96 -28.51 -7.93
C TYR A 121 11.45 -29.47 -9.03
N ARG A 122 11.09 -30.74 -8.88
CA ARG A 122 11.52 -31.79 -9.79
C ARG A 122 10.47 -32.89 -9.84
N THR A 123 10.58 -33.76 -10.84
CA THR A 123 9.76 -34.96 -10.87
C THR A 123 10.43 -36.03 -10.00
N SER A 124 9.72 -36.49 -8.98
CA SER A 124 10.26 -37.44 -8.03
C SER A 124 10.48 -38.80 -8.69
N ALA A 125 11.05 -39.72 -7.93
CA ALA A 125 11.23 -41.09 -8.40
C ALA A 125 9.89 -41.83 -8.58
N ALA A 126 8.85 -41.42 -7.85
CA ALA A 126 7.52 -42.04 -7.98
C ALA A 126 6.58 -41.35 -8.98
N GLY A 127 7.10 -40.39 -9.73
CA GLY A 127 6.36 -39.78 -10.82
C GLY A 127 5.53 -38.57 -10.44
N THR A 128 5.78 -38.02 -9.26
CA THR A 128 5.04 -36.86 -8.76
C THR A 128 5.99 -35.69 -8.56
N GLN A 129 5.49 -34.48 -8.79
CA GLN A 129 6.28 -33.26 -8.59
C GLN A 129 6.58 -33.04 -7.12
N GLU A 130 7.83 -32.70 -6.79
CA GLU A 130 8.18 -32.46 -5.41
C GLU A 130 9.18 -31.32 -5.22
N HIS A 131 9.06 -30.64 -4.09
CA HIS A 131 10.05 -29.68 -3.68
C HIS A 131 11.20 -30.45 -3.06
N TYR A 132 12.41 -30.25 -3.59
CA TYR A 132 13.54 -31.06 -3.14
C TYR A 132 14.77 -30.22 -2.80
N TYR A 133 14.77 -28.93 -3.13
CA TYR A 133 15.91 -28.05 -2.84
C TYR A 133 15.42 -26.64 -2.48
N THR A 134 16.11 -25.97 -1.56
CA THR A 134 15.82 -24.56 -1.27
C THR A 134 17.07 -23.67 -1.27
N THR A 135 16.93 -22.51 -1.87
CA THR A 135 17.93 -21.45 -1.82
C THR A 135 17.25 -20.27 -1.13
N VAL A 136 17.93 -19.66 -0.18
CA VAL A 136 17.29 -18.59 0.57
C VAL A 136 18.23 -17.43 0.85
N LEU A 137 17.79 -16.22 0.49
CA LEU A 137 18.54 -15.02 0.84
C LEU A 137 17.97 -14.36 2.09
N GLU A 138 18.87 -13.89 2.95
CA GLU A 138 18.54 -13.05 4.09
C GLU A 138 19.07 -11.65 3.82
N ASP A 139 18.27 -10.63 4.14
CA ASP A 139 18.65 -9.22 4.01
C ASP A 139 19.23 -8.87 2.65
N ALA A 140 18.52 -9.29 1.61
CA ALA A 140 18.94 -9.09 0.24
C ALA A 140 18.54 -7.71 -0.27
N ILE A 141 19.20 -7.29 -1.35
CA ILE A 141 18.95 -6.00 -1.97
C ILE A 141 18.89 -6.22 -3.47
N ILE A 142 17.89 -5.66 -4.15
CA ILE A 142 17.81 -5.82 -5.60
C ILE A 142 18.73 -4.84 -6.35
N VAL A 143 19.72 -5.34 -7.08
CA VAL A 143 20.75 -4.47 -7.63
C VAL A 143 20.55 -4.07 -9.09
N ASP A 144 19.71 -4.81 -9.81
CA ASP A 144 19.32 -4.42 -11.16
CA ASP A 144 19.43 -4.50 -11.22
C ASP A 144 18.25 -5.32 -11.74
N ILE A 145 17.47 -4.73 -12.64
CA ILE A 145 16.41 -5.45 -13.34
C ILE A 145 16.51 -5.14 -14.84
N LYS A 146 16.18 -6.14 -15.65
CA LYS A 146 16.15 -6.01 -17.09
C LYS A 146 14.82 -6.57 -17.59
N ASP A 147 14.06 -5.73 -18.29
CA ASP A 147 12.84 -6.17 -18.94
C ASP A 147 13.13 -6.39 -20.42
N TYR A 148 12.72 -7.53 -20.97
CA TYR A 148 12.97 -7.81 -22.38
C TYR A 148 11.93 -8.78 -22.95
N HIS A 150 11.10 -11.91 -25.53
CA HIS A 150 11.64 -13.04 -26.29
C HIS A 150 10.57 -13.77 -27.12
N PHE A 160 6.69 -18.21 -23.00
CA PHE A 160 6.76 -17.04 -22.12
C PHE A 160 7.56 -15.93 -22.79
N THR A 161 6.85 -15.01 -23.46
CA THR A 161 7.49 -14.01 -24.31
C THR A 161 7.87 -12.73 -23.56
N HIS A 162 7.12 -12.41 -22.50
CA HIS A 162 7.43 -11.22 -21.73
C HIS A 162 8.27 -11.60 -20.52
N LEU A 163 9.52 -11.14 -20.51
CA LEU A 163 10.51 -11.61 -19.54
C LEU A 163 11.13 -10.53 -18.66
N GLU A 164 11.86 -10.96 -17.65
CA GLU A 164 12.34 -10.05 -16.64
C GLU A 164 13.32 -10.75 -15.71
N ASP A 165 14.58 -10.37 -15.78
CA ASP A 165 15.62 -10.87 -14.91
C ASP A 165 15.83 -9.94 -13.74
N VAL A 166 15.93 -10.50 -12.53
CA VAL A 166 16.21 -9.68 -11.35
C VAL A 166 17.43 -10.16 -10.57
N HIS A 167 18.27 -9.22 -10.14
CA HIS A 167 19.50 -9.53 -9.41
C HIS A 167 19.49 -9.06 -7.98
N PHE A 168 19.85 -9.95 -7.07
CA PHE A 168 19.92 -9.66 -5.66
C PHE A 168 21.35 -9.84 -5.15
N THR A 169 21.81 -8.89 -4.34
CA THR A 169 22.88 -9.19 -3.43
C THR A 169 22.19 -9.56 -2.12
N TYR A 170 22.96 -9.89 -1.09
CA TYR A 170 22.43 -10.40 0.17
C TYR A 170 23.53 -10.52 1.21
N ARG A 171 23.14 -10.63 2.46
CA ARG A 171 24.09 -10.77 3.55
C ARG A 171 24.39 -12.26 3.76
N LYS A 172 23.53 -13.12 3.26
CA LYS A 172 23.67 -14.53 3.55
C LYS A 172 22.74 -15.35 2.71
N ILE A 173 23.18 -16.57 2.42
CA ILE A 173 22.44 -17.45 1.56
C ILE A 173 22.58 -18.83 2.14
N THR A 174 21.50 -19.59 2.03
CA THR A 174 21.47 -20.92 2.60
C THR A 174 20.97 -21.85 1.52
N TRP A 175 21.66 -22.97 1.36
CA TRP A 175 21.27 -24.01 0.42
C TRP A 175 20.92 -25.25 1.20
N THR A 176 19.71 -25.76 1.00
CA THR A 176 19.27 -26.94 1.69
C THR A 176 18.76 -27.96 0.69
N HIS A 177 19.15 -29.22 0.86
CA HIS A 177 18.52 -30.29 0.12
C HIS A 177 17.41 -30.85 1.00
N GLU A 178 16.17 -30.87 0.46
CA GLU A 178 14.94 -31.12 1.25
C GLU A 178 14.56 -32.58 1.45
N VAL A 179 15.00 -33.45 0.55
CA VAL A 179 14.70 -34.87 0.69
C VAL A 179 15.82 -35.61 1.42
N SER A 180 17.06 -35.25 1.10
CA SER A 180 18.24 -35.94 1.61
C SER A 180 18.85 -35.28 2.85
N GLY A 181 18.36 -34.08 3.19
CA GLY A 181 18.66 -33.46 4.47
C GLY A 181 19.97 -32.72 4.60
N THR A 182 20.74 -32.64 3.52
CA THR A 182 21.96 -31.85 3.53
C THR A 182 21.65 -30.36 3.47
N SER A 183 22.49 -29.58 4.16
CA SER A 183 22.30 -28.14 4.17
C SER A 183 23.63 -27.45 4.39
N GLY A 184 23.67 -26.15 4.12
CA GLY A 184 24.88 -25.35 4.25
C GLY A 184 24.54 -23.89 3.94
N SER A 185 25.28 -22.97 4.55
CA SER A 185 24.93 -21.56 4.44
C SER A 185 26.21 -20.76 4.41
N ASP A 186 26.10 -19.47 4.13
CA ASP A 186 27.29 -18.65 4.18
C ASP A 186 27.02 -17.17 4.06
N ASP A 187 27.98 -16.39 4.51
CA ASP A 187 27.91 -14.95 4.53
CA ASP A 187 27.86 -14.96 4.50
C ASP A 187 28.54 -14.42 3.26
N TRP A 188 27.87 -13.47 2.61
CA TRP A 188 28.41 -12.81 1.45
C TRP A 188 29.75 -12.12 1.73
N ARG A 189 30.68 -12.20 0.77
CA ARG A 189 31.95 -11.47 0.87
C ARG A 189 32.27 -10.62 -0.38
N SER A 190 32.84 -9.44 -0.13
CA SER A 190 33.20 -8.46 -1.14
C SER A 190 32.11 -7.41 -1.44
N PRO B 26 2.15 -10.07 -27.75
CA PRO B 26 2.28 -8.84 -28.55
C PRO B 26 2.05 -7.58 -27.72
N ALA B 27 2.54 -6.46 -28.23
CA ALA B 27 2.37 -5.16 -27.58
C ALA B 27 2.03 -4.10 -28.61
N TYR B 28 1.39 -3.03 -28.17
CA TYR B 28 1.06 -1.92 -29.06
C TYR B 28 1.45 -0.65 -28.36
N SER B 30 1.80 3.76 -28.38
CA SER B 30 1.27 5.01 -28.88
C SER B 30 2.33 6.04 -28.56
N ILE B 31 2.51 6.97 -29.49
CA ILE B 31 3.43 8.05 -29.25
C ILE B 31 2.81 9.36 -29.65
N THR B 32 2.65 10.24 -28.67
CA THR B 32 2.23 11.61 -28.91
C THR B 32 3.44 12.50 -28.71
N GLY B 33 3.76 13.30 -29.71
CA GLY B 33 4.89 14.23 -29.60
C GLY B 33 4.44 15.67 -29.49
N THR B 34 5.34 16.54 -29.05
CA THR B 34 5.03 17.97 -28.92
C THR B 34 4.74 18.68 -30.26
N LYS B 35 5.40 18.27 -31.35
CA LYS B 35 5.15 18.90 -32.65
C LYS B 35 4.05 18.19 -33.46
N GLN B 36 4.10 16.85 -33.51
CA GLN B 36 3.29 16.09 -34.44
C GLN B 36 1.94 15.59 -33.93
N GLY B 37 1.75 15.62 -32.62
CA GLY B 37 0.59 14.98 -32.04
C GLY B 37 0.74 13.46 -32.04
N LEU B 38 -0.34 12.75 -32.33
CA LEU B 38 -0.32 11.29 -32.30
C LEU B 38 0.45 10.74 -33.49
N ILE B 39 1.76 10.60 -33.30
CA ILE B 39 2.67 10.08 -34.33
C ILE B 39 2.25 8.71 -34.84
N THR B 40 1.55 7.95 -33.99
CA THR B 40 1.12 6.59 -34.32
C THR B 40 -0.31 6.54 -34.86
N ALA B 41 -0.88 7.69 -35.21
CA ALA B 41 -2.24 7.71 -35.77
C ALA B 41 -2.32 6.92 -37.07
N GLY B 42 -3.30 6.03 -37.17
CA GLY B 42 -3.49 5.18 -38.34
C GLY B 42 -2.29 4.30 -38.68
N ALA B 43 -1.46 4.02 -37.69
CA ALA B 43 -0.22 3.28 -37.90
C ALA B 43 -0.38 1.75 -37.87
N PHE B 44 -1.52 1.26 -37.41
CA PHE B 44 -1.79 -0.17 -37.51
C PHE B 44 -3.08 -0.39 -38.28
N THR B 45 -3.00 -0.07 -39.57
CA THR B 45 -4.14 -0.15 -40.48
C THR B 45 -3.66 -0.89 -41.71
N GLU B 46 -4.56 -1.14 -42.66
CA GLU B 46 -4.16 -1.73 -43.94
C GLU B 46 -3.12 -0.88 -44.67
N ASP B 47 -3.40 0.41 -44.83
CA ASP B 47 -2.48 1.32 -45.52
C ASP B 47 -1.06 1.26 -44.95
N SER B 48 -0.97 1.16 -43.62
CA SER B 48 0.32 1.21 -42.93
C SER B 48 1.15 -0.08 -43.00
N VAL B 49 0.53 -1.21 -42.64
CA VAL B 49 1.25 -2.48 -42.49
C VAL B 49 0.75 -3.62 -43.40
N GLY B 50 -0.06 -3.28 -44.39
CA GLY B 50 -0.47 -4.25 -45.40
C GLY B 50 -1.20 -5.44 -44.84
N ASN B 51 -0.75 -6.64 -45.21
CA ASN B 51 -1.43 -7.88 -44.83
C ASN B 51 -1.45 -8.15 -43.32
N THR B 52 -0.47 -7.61 -42.62
CA THR B 52 -0.33 -7.88 -41.19
C THR B 52 -1.40 -7.17 -40.34
N TYR B 53 -2.23 -6.35 -40.99
CA TYR B 53 -3.24 -5.56 -40.29
C TYR B 53 -4.13 -6.43 -39.39
N GLN B 54 -4.47 -5.88 -38.24
CA GLN B 54 -5.37 -6.54 -37.31
C GLN B 54 -6.14 -5.45 -36.61
N GLU B 55 -7.46 -5.40 -36.85
CA GLU B 55 -8.28 -4.33 -36.31
C GLU B 55 -8.21 -4.27 -34.79
N GLY B 56 -8.46 -3.09 -34.24
CA GLY B 56 -8.55 -2.92 -32.80
C GLY B 56 -7.48 -2.04 -32.19
N HIS B 57 -6.44 -1.73 -32.97
CA HIS B 57 -5.31 -0.97 -32.45
C HIS B 57 -4.83 0.00 -33.50
N GLU B 58 -5.78 0.63 -34.17
CA GLU B 58 -5.51 1.45 -35.37
C GLU B 58 -4.51 2.57 -35.12
N ASP B 59 -4.57 3.18 -33.94
CA ASP B 59 -3.67 4.28 -33.61
C ASP B 59 -2.49 3.81 -32.74
N GLN B 60 -2.14 2.54 -32.88
CA GLN B 60 -0.96 1.99 -32.20
C GLN B 60 -0.05 1.20 -33.14
N VAL B 61 1.24 1.43 -32.99
CA VAL B 61 2.23 0.62 -33.69
C VAL B 61 2.44 -0.68 -32.89
N VAL B 63 4.48 -3.61 -31.28
CA VAL B 63 5.83 -3.85 -30.78
C VAL B 63 6.02 -5.34 -30.57
N GLN B 64 7.04 -5.90 -31.20
CA GLN B 64 7.30 -7.34 -31.08
C GLN B 64 8.69 -7.61 -30.53
N GLY B 65 9.30 -6.56 -29.97
CA GLY B 65 10.60 -6.65 -29.35
C GLY B 65 10.76 -5.53 -28.37
N PHE B 66 11.26 -5.85 -27.18
CA PHE B 66 11.46 -4.87 -26.15
C PHE B 66 12.75 -5.13 -25.38
N ASN B 67 13.42 -4.06 -24.96
CA ASN B 67 14.58 -4.15 -24.08
C ASN B 67 14.68 -2.91 -23.19
N HIS B 68 14.88 -3.11 -21.89
CA HIS B 68 15.02 -1.98 -20.99
C HIS B 68 15.63 -2.41 -19.67
N GLU B 69 16.36 -1.50 -19.04
CA GLU B 69 17.05 -1.88 -17.83
C GLU B 69 17.31 -0.77 -16.86
N VAL B 70 17.13 -1.10 -15.59
CA VAL B 70 17.55 -0.23 -14.50
C VAL B 70 18.58 -0.97 -13.64
N ILE B 71 19.63 -0.26 -13.24
CA ILE B 71 20.68 -0.89 -12.44
C ILE B 71 21.12 0.00 -11.29
N ILE B 72 21.39 -0.59 -10.14
CA ILE B 72 21.90 0.18 -9.01
C ILE B 72 23.32 0.63 -9.31
N GLY B 83 24.23 5.25 -2.63
CA GLY B 83 24.25 4.77 -4.02
C GLY B 83 22.86 4.70 -4.65
N GLN B 84 22.61 5.55 -5.64
CA GLN B 84 21.27 5.67 -6.25
C GLN B 84 21.15 5.09 -7.68
N ARG B 85 19.95 4.69 -8.06
CA ARG B 85 19.69 4.02 -9.34
C ARG B 85 19.95 4.90 -10.58
N VAL B 86 20.40 4.27 -11.66
CA VAL B 86 20.52 4.94 -12.96
C VAL B 86 19.61 4.24 -13.97
N HIS B 87 19.12 4.96 -14.97
CA HIS B 87 18.24 4.37 -15.97
C HIS B 87 18.95 4.14 -17.29
N LYS B 88 18.44 3.16 -18.04
CA LYS B 88 18.88 2.92 -19.42
C LYS B 88 17.74 3.23 -20.39
N PRO B 89 18.05 3.35 -21.69
CA PRO B 89 16.99 3.69 -22.64
C PRO B 89 16.06 2.51 -22.85
N VAL B 90 14.78 2.78 -23.09
CA VAL B 90 13.87 1.73 -23.51
C VAL B 90 14.07 1.51 -25.00
N VAL B 91 14.34 0.27 -25.38
CA VAL B 91 14.47 -0.08 -26.79
C VAL B 91 13.26 -0.87 -27.20
N ILE B 92 12.67 -0.49 -28.31
CA ILE B 92 11.57 -1.26 -28.85
C ILE B 92 11.85 -1.58 -30.30
N THR B 93 11.37 -2.73 -30.77
CA THR B 93 11.50 -3.09 -32.17
C THR B 93 10.12 -3.07 -32.82
N LYS B 94 10.02 -2.45 -33.98
CA LYS B 94 8.78 -2.42 -34.74
C LYS B 94 9.07 -2.76 -36.20
N VAL B 95 8.04 -2.89 -37.04
CA VAL B 95 8.27 -3.03 -38.47
C VAL B 95 8.20 -1.65 -39.10
N PHE B 96 8.61 -1.56 -40.36
CA PHE B 96 8.42 -0.34 -41.13
C PHE B 96 6.92 -0.10 -41.26
N ASP B 97 6.49 1.14 -41.00
CA ASP B 97 5.08 1.51 -41.10
C ASP B 97 4.92 3.02 -41.26
N LYS B 98 3.68 3.50 -41.24
CA LYS B 98 3.36 4.92 -41.40
C LYS B 98 4.06 5.81 -40.37
N ALA B 99 4.24 5.29 -39.17
CA ALA B 99 4.92 6.00 -38.09
C ALA B 99 6.41 6.19 -38.38
N SER B 100 6.98 5.32 -39.20
CA SER B 100 8.42 5.24 -39.30
C SER B 100 9.05 6.55 -39.69
N PRO B 101 8.62 7.12 -40.82
CA PRO B 101 9.28 8.37 -41.20
C PRO B 101 9.05 9.47 -40.16
N LEU B 102 7.92 9.40 -39.45
CA LEU B 102 7.61 10.42 -38.46
C LEU B 102 8.58 10.28 -37.30
N LEU B 103 8.78 9.03 -36.91
CA LEU B 103 9.73 8.64 -35.89
C LEU B 103 11.14 9.07 -36.18
N LEU B 104 11.56 8.84 -37.42
CA LEU B 104 12.90 9.18 -37.85
C LEU B 104 13.03 10.68 -37.85
N ALA B 105 11.89 11.36 -37.99
CA ALA B 105 11.85 12.81 -37.88
C ALA B 105 11.97 13.21 -36.42
N ALA B 106 11.09 12.66 -35.59
CA ALA B 106 11.16 12.87 -34.15
C ALA B 106 12.59 12.77 -33.60
N LEU B 107 13.43 11.94 -34.23
CA LEU B 107 14.81 11.75 -33.79
C LEU B 107 15.75 12.82 -34.34
N THR B 108 15.59 13.15 -35.62
CA THR B 108 16.48 14.11 -36.24
C THR B 108 16.10 15.53 -35.84
N SER B 109 14.87 15.71 -35.38
CA SER B 109 14.40 17.02 -34.92
C SER B 109 14.81 17.24 -33.49
N GLY B 110 14.70 16.18 -32.68
CA GLY B 110 14.91 16.25 -31.24
C GLY B 110 13.61 16.47 -30.48
N GLU B 111 12.49 16.27 -31.17
CA GLU B 111 11.16 16.51 -30.58
C GLU B 111 10.89 15.67 -29.30
N ARG B 112 10.48 16.37 -28.23
CA ARG B 112 10.20 15.74 -26.93
C ARG B 112 8.88 14.97 -26.94
N LEU B 113 8.96 13.65 -26.83
CA LEU B 113 7.75 12.83 -26.85
C LEU B 113 6.93 12.96 -25.55
N THR B 114 5.83 13.70 -25.60
CA THR B 114 4.96 13.86 -24.43
C THR B 114 4.63 12.51 -23.78
N LYS B 115 4.29 11.53 -24.61
CA LYS B 115 3.88 10.21 -24.12
C LYS B 115 4.31 9.10 -25.09
N VAL B 116 5.01 8.10 -24.57
CA VAL B 116 5.18 6.82 -25.23
C VAL B 116 4.49 5.82 -24.30
N GLU B 117 3.47 5.12 -24.80
CA GLU B 117 2.73 4.21 -23.95
C GLU B 117 2.71 2.81 -24.55
N ILE B 118 3.27 1.85 -23.83
CA ILE B 118 3.30 0.46 -24.28
C ILE B 118 2.36 -0.46 -23.46
N GLN B 119 1.30 -0.92 -24.10
CA GLN B 119 0.34 -1.83 -23.51
C GLN B 119 0.65 -3.26 -23.93
N TRP B 120 0.89 -4.12 -22.95
CA TRP B 120 1.22 -5.52 -23.23
C TRP B 120 -0.01 -6.44 -23.11
N TYR B 121 -0.17 -7.33 -24.08
CA TYR B 121 -1.31 -8.26 -24.10
C TYR B 121 -0.86 -9.69 -23.88
N ARG B 122 -1.77 -10.50 -23.37
CA ARG B 122 -1.52 -11.90 -23.15
C ARG B 122 -2.84 -12.60 -23.27
N THR B 123 -2.80 -13.93 -23.34
CA THR B 123 -4.00 -14.74 -23.32
C THR B 123 -4.45 -14.91 -21.87
N SER B 124 -5.69 -14.51 -21.58
CA SER B 124 -6.19 -14.54 -20.21
C SER B 124 -6.39 -15.98 -19.80
N ALA B 125 -6.51 -16.20 -18.49
CA ALA B 125 -6.78 -17.54 -18.00
C ALA B 125 -8.05 -18.15 -18.64
N ALA B 126 -9.00 -17.31 -19.07
CA ALA B 126 -10.24 -17.78 -19.70
C ALA B 126 -10.16 -18.00 -21.22
N GLY B 127 -9.01 -17.69 -21.81
CA GLY B 127 -8.76 -17.94 -23.22
C GLY B 127 -8.98 -16.77 -24.17
N THR B 128 -8.74 -15.56 -23.68
CA THR B 128 -9.05 -14.35 -24.45
C THR B 128 -7.89 -13.35 -24.38
N GLN B 129 -7.60 -12.68 -25.48
CA GLN B 129 -6.55 -11.66 -25.47
C GLN B 129 -6.95 -10.52 -24.56
N GLU B 130 -6.08 -10.21 -23.60
CA GLU B 130 -6.37 -9.13 -22.66
C GLU B 130 -5.16 -8.25 -22.45
N HIS B 131 -5.43 -6.96 -22.34
CA HIS B 131 -4.43 -5.98 -21.99
C HIS B 131 -4.11 -6.06 -20.49
N TYR B 132 -2.90 -6.49 -20.15
CA TYR B 132 -2.61 -6.79 -18.77
C TYR B 132 -1.45 -6.01 -18.16
N TYR B 133 -0.77 -5.17 -18.95
CA TYR B 133 0.40 -4.43 -18.46
C TYR B 133 0.63 -3.16 -19.29
N THR B 134 1.17 -2.12 -18.66
CA THR B 134 1.57 -0.90 -19.35
C THR B 134 2.93 -0.42 -18.86
N THR B 135 3.71 0.10 -19.78
CA THR B 135 4.96 0.79 -19.49
C THR B 135 4.86 2.15 -20.17
N VAL B 136 4.78 3.21 -19.38
CA VAL B 136 4.58 4.53 -19.95
C VAL B 136 5.76 5.44 -19.68
N LEU B 137 6.30 6.02 -20.75
CA LEU B 137 7.36 7.01 -20.61
C LEU B 137 6.80 8.41 -20.83
N GLU B 138 7.22 9.34 -19.98
CA GLU B 138 6.91 10.76 -20.08
C GLU B 138 8.13 11.54 -20.57
N ASP B 139 7.93 12.43 -21.53
CA ASP B 139 8.99 13.26 -22.12
C ASP B 139 10.17 12.40 -22.56
N ALA B 140 9.86 11.33 -23.27
CA ALA B 140 10.87 10.45 -23.78
C ALA B 140 11.50 11.16 -24.98
N ILE B 141 12.73 10.79 -25.31
CA ILE B 141 13.41 11.31 -26.48
C ILE B 141 13.94 10.12 -27.28
N ILE B 142 13.88 10.18 -28.61
CA ILE B 142 14.52 9.16 -29.44
C ILE B 142 16.02 9.44 -29.64
N VAL B 143 16.86 8.52 -29.18
CA VAL B 143 18.30 8.74 -29.23
C VAL B 143 19.02 7.79 -30.18
N ASP B 144 18.28 6.92 -30.84
CA ASP B 144 18.86 6.00 -31.82
C ASP B 144 17.77 5.20 -32.56
N ILE B 145 17.92 5.09 -33.87
CA ILE B 145 17.04 4.23 -34.69
C ILE B 145 17.82 3.37 -35.71
N LYS B 146 17.55 2.06 -35.68
CA LYS B 146 18.24 1.11 -36.52
C LYS B 146 17.22 0.38 -37.41
N ASP B 147 17.33 0.57 -38.72
CA ASP B 147 16.46 -0.08 -39.68
C ASP B 147 17.24 -1.25 -40.26
N TYR B 148 16.54 -2.32 -40.63
CA TYR B 148 17.23 -3.54 -41.08
C TYR B 148 16.30 -4.65 -41.55
N THR B 161 9.66 -8.87 -41.39
CA THR B 161 10.83 -8.91 -42.28
C THR B 161 11.61 -7.58 -42.32
N HIS B 162 10.90 -6.46 -42.47
CA HIS B 162 11.53 -5.13 -42.48
C HIS B 162 11.40 -4.42 -41.13
N LEU B 163 12.46 -4.46 -40.33
CA LEU B 163 12.41 -4.07 -38.93
C LEU B 163 13.07 -2.74 -38.61
N GLU B 164 12.84 -2.27 -37.41
CA GLU B 164 13.32 -0.98 -36.99
C GLU B 164 13.29 -0.86 -35.47
N ASP B 165 14.45 -0.59 -34.88
CA ASP B 165 14.58 -0.48 -33.44
C ASP B 165 14.51 0.97 -33.09
N VAL B 166 13.81 1.27 -32.00
CA VAL B 166 13.77 2.62 -31.43
C VAL B 166 14.23 2.68 -29.98
N HIS B 167 15.16 3.58 -29.69
CA HIS B 167 15.59 3.84 -28.32
C HIS B 167 15.06 5.17 -27.83
N PHE B 168 14.48 5.17 -26.62
CA PHE B 168 14.09 6.41 -25.95
C PHE B 168 14.82 6.54 -24.62
N THR B 169 15.37 7.72 -24.34
CA THR B 169 15.55 8.11 -22.95
C THR B 169 14.31 8.93 -22.60
N TYR B 170 14.19 9.35 -21.35
CA TYR B 170 12.96 9.96 -20.85
C TYR B 170 13.17 10.62 -19.50
N ARG B 171 12.09 11.16 -18.95
CA ARG B 171 12.17 11.80 -17.64
C ARG B 171 11.48 10.95 -16.58
N LYS B 172 10.43 10.24 -16.98
CA LYS B 172 9.70 9.42 -16.01
C LYS B 172 9.10 8.18 -16.64
N ILE B 173 9.31 7.04 -16.01
CA ILE B 173 8.72 5.82 -16.49
C ILE B 173 7.77 5.31 -15.43
N THR B 174 6.63 4.79 -15.88
CA THR B 174 5.64 4.19 -15.01
C THR B 174 5.45 2.72 -15.43
N TRP B 175 5.20 1.85 -14.45
CA TRP B 175 4.89 0.44 -14.69
C TRP B 175 3.61 0.08 -13.95
N THR B 176 2.64 -0.51 -14.64
CA THR B 176 1.41 -0.88 -13.96
C THR B 176 0.89 -2.23 -14.39
N HIS B 177 0.45 -3.03 -13.44
CA HIS B 177 -0.15 -4.31 -13.79
C HIS B 177 -1.67 -4.16 -13.73
N GLU B 178 -2.30 -4.21 -14.90
CA GLU B 178 -3.70 -3.80 -15.07
C GLU B 178 -4.74 -4.72 -14.41
N VAL B 179 -4.43 -6.01 -14.34
CA VAL B 179 -5.36 -6.99 -13.77
C VAL B 179 -5.16 -7.23 -12.25
N SER B 180 -3.92 -7.09 -11.78
CA SER B 180 -3.60 -7.33 -10.38
C SER B 180 -3.52 -6.02 -9.61
N GLY B 181 -3.47 -4.92 -10.34
CA GLY B 181 -3.57 -3.60 -9.72
C GLY B 181 -2.37 -3.19 -8.92
N THR B 182 -1.18 -3.45 -9.46
CA THR B 182 0.07 -3.01 -8.85
C THR B 182 0.72 -2.00 -9.76
N SER B 183 1.55 -1.13 -9.20
CA SER B 183 2.24 -0.14 -10.02
C SER B 183 3.42 0.50 -9.31
N GLY B 184 4.32 1.08 -10.11
CA GLY B 184 5.49 1.79 -9.64
C GLY B 184 5.95 2.75 -10.73
N SER B 185 6.87 3.65 -10.41
CA SER B 185 7.38 4.59 -11.40
C SER B 185 8.65 5.19 -10.88
N ASP B 186 9.41 5.80 -11.77
CA ASP B 186 10.68 6.37 -11.35
C ASP B 186 11.20 7.41 -12.32
N ASP B 187 11.75 8.47 -11.76
CA ASP B 187 12.44 9.45 -12.55
C ASP B 187 13.67 8.80 -13.14
N TRP B 188 13.97 9.15 -14.39
CA TRP B 188 15.23 8.87 -15.00
C TRP B 188 16.40 9.43 -14.16
N ARG B 189 17.49 8.67 -14.11
CA ARG B 189 18.74 9.11 -13.51
C ARG B 189 19.84 8.30 -14.17
N ALA C 24 2.50 34.99 -8.23
CA ALA C 24 1.23 34.92 -7.53
C ALA C 24 0.98 33.50 -7.00
N THR C 25 -0.28 33.11 -6.88
CA THR C 25 -0.60 31.72 -6.66
C THR C 25 -1.37 31.22 -7.87
N PRO C 26 -0.71 31.22 -9.05
CA PRO C 26 -1.38 30.89 -10.30
C PRO C 26 -1.27 29.40 -10.58
N ALA C 27 -1.90 28.96 -11.65
CA ALA C 27 -1.64 27.64 -12.17
C ALA C 27 -1.06 27.86 -13.57
N TYR C 28 -0.38 26.84 -14.08
CA TYR C 28 0.05 26.87 -15.46
C TYR C 28 -0.39 25.56 -16.08
N SER C 30 -0.24 22.84 -19.54
CA SER C 30 0.23 22.42 -20.84
C SER C 30 -0.88 21.58 -21.41
N ILE C 31 -0.99 21.58 -22.74
CA ILE C 31 -1.96 20.70 -23.39
C ILE C 31 -1.30 20.02 -24.56
N THR C 32 -1.53 18.72 -24.70
CA THR C 32 -1.06 18.02 -25.89
C THR C 32 -2.23 17.36 -26.63
N GLY C 33 -2.43 17.76 -27.88
CA GLY C 33 -3.51 17.24 -28.69
C GLY C 33 -3.03 16.14 -29.62
N THR C 34 -3.90 15.15 -29.83
CA THR C 34 -3.60 14.05 -30.74
C THR C 34 -3.43 14.55 -32.17
N LYS C 35 -4.14 15.61 -32.50
CA LYS C 35 -4.00 16.20 -33.82
C LYS C 35 -2.90 17.27 -33.80
N GLN C 36 -3.02 18.23 -32.88
CA GLN C 36 -2.17 19.43 -32.91
C GLN C 36 -0.83 19.39 -32.16
N GLY C 37 -0.53 18.29 -31.48
CA GLY C 37 0.68 18.25 -30.68
C GLY C 37 0.53 19.09 -29.41
N LEU C 38 1.56 19.85 -29.08
CA LEU C 38 1.57 20.65 -27.85
C LEU C 38 0.90 21.99 -28.13
N ILE C 39 -0.30 22.15 -27.63
CA ILE C 39 -1.14 23.30 -27.97
C ILE C 39 -0.72 24.55 -27.21
N THR C 40 0.01 24.35 -26.12
CA THR C 40 0.44 25.43 -25.28
C THR C 40 1.87 25.86 -25.62
N ALA C 41 2.43 25.28 -26.68
CA ALA C 41 3.81 25.56 -27.09
C ALA C 41 4.01 27.04 -27.38
N GLY C 42 4.85 27.70 -26.58
CA GLY C 42 5.13 29.10 -26.77
C GLY C 42 3.92 30.02 -26.55
N ALA C 43 2.98 29.55 -25.75
CA ALA C 43 1.75 30.29 -25.49
C ALA C 43 1.83 31.17 -24.26
N PHE C 44 2.87 31.01 -23.44
CA PHE C 44 3.14 32.00 -22.38
C PHE C 44 4.45 32.73 -22.63
N THR C 45 4.41 33.61 -23.62
CA THR C 45 5.54 34.35 -24.13
C THR C 45 5.10 35.78 -24.35
N GLU C 46 6.03 36.67 -24.67
CA GLU C 46 5.72 38.06 -24.99
C GLU C 46 4.77 38.20 -26.18
N ASP C 47 5.05 37.47 -27.25
CA ASP C 47 4.18 37.49 -28.43
C ASP C 47 2.77 37.08 -28.05
N SER C 48 2.66 35.99 -27.28
CA SER C 48 1.37 35.38 -26.97
C SER C 48 0.55 36.14 -25.94
N VAL C 49 1.19 36.60 -24.86
CA VAL C 49 0.49 37.29 -23.79
C VAL C 49 0.84 38.78 -23.63
N GLY C 50 1.92 39.23 -24.26
CA GLY C 50 2.28 40.64 -24.18
C GLY C 50 2.84 41.01 -22.80
N ASN C 51 2.35 42.11 -22.24
CA ASN C 51 2.91 42.63 -20.98
C ASN C 51 2.69 41.71 -19.79
N THR C 52 1.84 40.70 -19.98
CA THR C 52 1.52 39.72 -18.96
C THR C 52 2.65 38.72 -18.73
N TYR C 53 3.66 38.76 -19.60
CA TYR C 53 4.73 37.75 -19.63
C TYR C 53 5.67 37.72 -18.41
N GLN C 54 5.78 36.55 -17.79
CA GLN C 54 6.86 36.23 -16.86
C GLN C 54 7.55 34.98 -17.41
N GLU C 55 8.87 34.96 -17.37
CA GLU C 55 9.65 33.86 -17.93
C GLU C 55 9.49 32.58 -17.09
N GLY C 56 9.76 31.43 -17.70
CA GLY C 56 9.75 30.17 -16.98
C GLY C 56 8.59 29.23 -17.26
N HIS C 57 7.61 29.67 -18.04
CA HIS C 57 6.44 28.83 -18.32
C HIS C 57 5.94 28.94 -19.78
N GLU C 58 6.91 29.05 -20.70
CA GLU C 58 6.67 29.45 -22.08
C GLU C 58 5.84 28.46 -22.90
N ASP C 59 5.78 27.21 -22.47
CA ASP C 59 5.09 26.18 -23.24
C ASP C 59 3.82 25.75 -22.52
N GLN C 60 3.36 26.65 -21.66
CA GLN C 60 2.09 26.50 -20.95
C GLN C 60 1.25 27.76 -21.15
N VAL C 61 0.02 27.69 -20.67
CA VAL C 61 -0.85 28.86 -20.60
C VAL C 61 -1.13 29.19 -19.13
N VAL C 63 -3.18 30.02 -15.98
CA VAL C 63 -4.54 29.70 -15.60
C VAL C 63 -5.02 30.55 -14.43
N GLN C 64 -6.10 31.28 -14.66
CA GLN C 64 -6.63 32.25 -13.71
C GLN C 64 -7.96 31.77 -13.13
N GLY C 65 -8.36 30.55 -13.48
CA GLY C 65 -9.60 29.97 -13.00
C GLY C 65 -9.53 28.45 -12.94
N PHE C 66 -10.39 27.86 -12.10
CA PHE C 66 -10.47 26.42 -11.98
C PHE C 66 -11.67 26.05 -11.15
N ASN C 67 -12.43 25.08 -11.65
CA ASN C 67 -13.58 24.54 -10.94
C ASN C 67 -13.70 23.08 -11.34
N HIS C 68 -14.02 22.23 -10.40
CA HIS C 68 -14.21 20.82 -10.69
C HIS C 68 -14.94 20.16 -9.55
N GLU C 69 -15.65 19.08 -9.85
CA GLU C 69 -16.43 18.42 -8.83
C GLU C 69 -16.70 16.98 -9.13
N VAL C 70 -16.51 16.15 -8.10
CA VAL C 70 -16.84 14.74 -8.12
C VAL C 70 -17.85 14.49 -7.01
N ILE C 71 -19.02 13.95 -7.36
CA ILE C 71 -20.08 13.78 -6.37
C ILE C 71 -20.56 12.33 -6.22
N ILE C 72 -21.10 12.00 -5.05
CA ILE C 72 -21.82 10.75 -4.86
C ILE C 72 -23.30 11.10 -4.89
N PRO C 73 -23.99 10.66 -5.95
CA PRO C 73 -25.40 11.06 -6.14
C PRO C 73 -26.30 10.56 -5.02
N ARG C 85 -19.88 7.06 -8.13
CA ARG C 85 -19.47 8.46 -8.20
C ARG C 85 -19.70 9.06 -9.60
N VAL C 86 -19.69 10.39 -9.67
CA VAL C 86 -19.95 11.10 -10.93
C VAL C 86 -18.99 12.30 -11.06
N HIS C 87 -18.07 12.24 -12.02
CA HIS C 87 -17.21 13.39 -12.30
C HIS C 87 -17.98 14.46 -13.05
N LYS C 88 -17.63 15.74 -12.82
CA LYS C 88 -18.11 16.88 -13.62
C LYS C 88 -16.94 17.38 -14.43
N PRO C 89 -17.21 18.09 -15.55
CA PRO C 89 -16.07 18.58 -16.34
C PRO C 89 -15.13 19.48 -15.55
N VAL C 90 -13.85 19.43 -15.89
CA VAL C 90 -12.90 20.38 -15.33
C VAL C 90 -13.01 21.71 -16.06
N VAL C 91 -13.05 22.80 -15.30
CA VAL C 91 -13.24 24.12 -15.87
C VAL C 91 -12.07 25.02 -15.51
N ILE C 92 -11.27 25.40 -16.50
CA ILE C 92 -10.23 26.40 -16.25
C ILE C 92 -10.64 27.78 -16.82
N THR C 93 -9.90 28.81 -16.45
CA THR C 93 -10.08 30.14 -17.02
C THR C 93 -8.68 30.62 -17.36
N LYS C 94 -8.54 31.26 -18.52
CA LYS C 94 -7.29 31.85 -18.98
C LYS C 94 -7.67 33.15 -19.68
N VAL C 95 -6.69 33.85 -20.27
CA VAL C 95 -6.96 35.04 -21.07
C VAL C 95 -6.82 34.70 -22.56
N PHE C 96 -7.26 35.58 -23.46
CA PHE C 96 -7.02 35.37 -24.90
C PHE C 96 -5.49 35.26 -25.14
N ASP C 97 -5.06 34.23 -25.87
CA ASP C 97 -3.64 34.03 -26.15
C ASP C 97 -3.38 33.21 -27.43
N LYS C 98 -2.16 32.72 -27.58
CA LYS C 98 -1.75 32.03 -28.79
C LYS C 98 -2.50 30.71 -28.98
N ALA C 99 -2.84 30.06 -27.86
CA ALA C 99 -3.52 28.77 -27.85
C ALA C 99 -5.00 28.89 -28.16
N SER C 100 -5.60 30.04 -27.84
CA SER C 100 -7.03 30.26 -27.97
C SER C 100 -7.63 29.80 -29.29
N PRO C 101 -7.04 30.24 -30.42
CA PRO C 101 -7.64 29.80 -31.69
C PRO C 101 -7.46 28.30 -31.81
N LEU C 102 -6.45 27.77 -31.14
CA LEU C 102 -6.12 26.35 -31.23
C LEU C 102 -7.11 25.50 -30.43
N LEU C 103 -7.51 26.02 -29.28
CA LEU C 103 -8.45 25.32 -28.41
C LEU C 103 -9.84 25.31 -29.00
N LEU C 104 -10.18 26.41 -29.67
CA LEU C 104 -11.46 26.50 -30.37
C LEU C 104 -11.49 25.46 -31.46
N ALA C 105 -10.38 25.33 -32.20
CA ALA C 105 -10.29 24.32 -33.23
C ALA C 105 -10.42 22.93 -32.61
N ALA C 106 -9.79 22.72 -31.47
CA ALA C 106 -9.92 21.45 -30.77
C ALA C 106 -11.38 21.19 -30.43
N LEU C 107 -12.01 22.19 -29.84
CA LEU C 107 -13.38 22.05 -29.39
C LEU C 107 -14.21 21.61 -30.58
N THR C 108 -14.21 22.45 -31.62
CA THR C 108 -15.11 22.24 -32.76
C THR C 108 -14.83 20.97 -33.57
N SER C 109 -13.60 20.47 -33.48
CA SER C 109 -13.23 19.26 -34.22
C SER C 109 -13.41 17.99 -33.38
N GLY C 110 -13.68 18.16 -32.09
CA GLY C 110 -13.72 17.03 -31.17
C GLY C 110 -12.38 16.32 -31.03
N GLU C 111 -11.28 17.07 -31.20
CA GLU C 111 -9.94 16.50 -31.06
C GLU C 111 -9.73 16.00 -29.62
N ARG C 112 -9.29 14.75 -29.48
CA ARG C 112 -8.98 14.24 -28.15
C ARG C 112 -7.64 14.80 -27.70
N LEU C 113 -7.56 15.21 -26.44
CA LEU C 113 -6.31 15.68 -25.89
C LEU C 113 -5.65 14.59 -25.08
N THR C 114 -4.51 14.09 -25.56
CA THR C 114 -3.76 13.02 -24.85
C THR C 114 -3.52 13.35 -23.38
N LYS C 115 -3.08 14.58 -23.12
CA LYS C 115 -2.80 15.04 -21.75
C LYS C 115 -3.10 16.53 -21.54
N VAL C 116 -3.80 16.86 -20.46
CA VAL C 116 -3.90 18.24 -20.01
C VAL C 116 -3.26 18.28 -18.61
N GLU C 117 -2.29 19.16 -18.39
CA GLU C 117 -1.62 19.13 -17.11
C GLU C 117 -1.49 20.47 -16.41
N ILE C 118 -2.16 20.57 -15.26
CA ILE C 118 -2.29 21.79 -14.49
C ILE C 118 -1.32 21.77 -13.33
N GLN C 119 -0.37 22.69 -13.35
CA GLN C 119 0.60 22.79 -12.28
C GLN C 119 0.25 23.96 -11.38
N TRP C 120 0.13 23.65 -10.09
CA TRP C 120 -0.26 24.64 -9.09
C TRP C 120 0.95 25.23 -8.38
N TYR C 121 0.93 26.55 -8.23
CA TYR C 121 2.02 27.28 -7.56
C TYR C 121 1.59 28.02 -6.28
N ARG C 122 2.53 28.15 -5.36
CA ARG C 122 2.31 28.85 -4.10
C ARG C 122 3.63 29.44 -3.61
N THR C 123 3.54 30.36 -2.65
CA THR C 123 4.70 30.85 -1.93
C THR C 123 5.11 29.78 -0.92
N SER C 124 6.34 29.32 -0.99
CA SER C 124 6.82 28.26 -0.11
C SER C 124 7.01 28.77 1.32
N ALA C 125 7.39 27.86 2.21
CA ALA C 125 7.70 28.21 3.60
C ALA C 125 8.88 29.17 3.67
N ALA C 126 9.85 29.00 2.77
CA ALA C 126 11.03 29.88 2.74
C ALA C 126 10.89 31.11 1.83
N GLY C 127 9.65 31.46 1.48
CA GLY C 127 9.38 32.69 0.74
C GLY C 127 9.56 32.66 -0.78
N THR C 128 9.69 31.47 -1.36
CA THR C 128 9.91 31.33 -2.78
C THR C 128 8.77 30.59 -3.47
N GLN C 129 8.41 31.01 -4.68
CA GLN C 129 7.34 30.33 -5.42
C GLN C 129 7.74 28.90 -5.74
N GLU C 130 6.83 27.95 -5.48
CA GLU C 130 7.10 26.55 -5.80
C GLU C 130 5.91 25.80 -6.36
N HIS C 131 6.20 24.82 -7.20
CA HIS C 131 5.18 23.91 -7.68
C HIS C 131 4.86 22.86 -6.58
N TYR C 132 3.62 22.86 -6.09
CA TYR C 132 3.26 21.97 -4.97
C TYR C 132 2.17 20.94 -5.27
N TYR C 133 1.38 21.15 -6.32
CA TYR C 133 0.27 20.26 -6.66
C TYR C 133 0.21 20.06 -8.17
N THR C 134 -0.24 18.89 -8.62
CA THR C 134 -0.48 18.67 -10.04
C THR C 134 -1.83 18.00 -10.30
N THR C 135 -2.65 18.65 -11.12
CA THR C 135 -3.86 18.05 -11.64
C THR C 135 -3.59 17.68 -13.12
N VAL C 136 -3.90 16.44 -13.48
CA VAL C 136 -3.62 15.96 -14.84
C VAL C 136 -4.78 15.17 -15.42
N LEU C 137 -5.23 15.57 -16.61
CA LEU C 137 -6.27 14.81 -17.32
C LEU C 137 -5.65 13.90 -18.37
N GLU C 138 -6.18 12.69 -18.47
CA GLU C 138 -5.80 11.83 -19.59
C GLU C 138 -6.98 11.70 -20.57
N ASP C 139 -6.67 11.84 -21.85
CA ASP C 139 -7.66 11.69 -22.92
C ASP C 139 -8.88 12.60 -22.74
N ALA C 140 -8.62 13.90 -22.72
CA ALA C 140 -9.64 14.90 -22.50
C ALA C 140 -10.21 15.40 -23.82
N ILE C 141 -11.42 15.93 -23.73
CA ILE C 141 -12.10 16.53 -24.87
C ILE C 141 -12.63 17.85 -24.36
N ILE C 142 -12.39 18.91 -25.11
CA ILE C 142 -12.98 20.21 -24.76
C ILE C 142 -14.47 20.25 -25.10
N VAL C 143 -15.32 20.56 -24.14
CA VAL C 143 -16.76 20.49 -24.36
C VAL C 143 -17.45 21.85 -24.35
N ASP C 144 -16.72 22.90 -23.99
CA ASP C 144 -17.34 24.22 -23.87
CA ASP C 144 -17.33 24.22 -23.87
C ASP C 144 -16.25 25.27 -23.83
N ILE C 145 -16.42 26.34 -24.60
CA ILE C 145 -15.56 27.51 -24.48
C ILE C 145 -16.45 28.73 -24.45
N LYS C 146 -16.12 29.62 -23.54
CA LYS C 146 -16.82 30.88 -23.35
C LYS C 146 -15.76 31.98 -23.46
N ASP C 147 -15.96 32.89 -24.41
CA ASP C 147 -15.12 34.07 -24.55
C ASP C 147 -15.89 35.27 -23.98
N TYR C 148 -15.33 35.95 -22.99
CA TYR C 148 -15.98 37.13 -22.43
C TYR C 148 -14.98 38.21 -22.04
N HIS C 150 -14.08 41.13 -19.33
CA HIS C 150 -14.36 41.44 -17.94
C HIS C 150 -13.63 42.73 -17.53
N PHE C 160 -6.32 41.61 -16.10
CA PHE C 160 -6.59 40.79 -17.28
C PHE C 160 -8.07 40.88 -17.69
N THR C 161 -8.33 41.54 -18.83
CA THR C 161 -9.71 41.87 -19.22
C THR C 161 -10.29 40.93 -20.29
N HIS C 162 -9.43 40.29 -21.07
CA HIS C 162 -9.90 39.39 -22.12
C HIS C 162 -9.80 37.94 -21.65
N LEU C 163 -10.95 37.38 -21.28
CA LEU C 163 -10.97 36.08 -20.58
C LEU C 163 -11.64 34.96 -21.36
N GLU C 164 -11.31 33.73 -20.98
CA GLU C 164 -11.75 32.57 -21.71
C GLU C 164 -11.83 31.38 -20.76
N ASP C 165 -13.04 30.86 -20.56
CA ASP C 165 -13.22 29.65 -19.79
C ASP C 165 -13.26 28.47 -20.75
N VAL C 166 -12.54 27.40 -20.41
CA VAL C 166 -12.53 26.18 -21.22
C VAL C 166 -12.94 24.98 -20.35
N HIS C 167 -13.82 24.13 -20.87
CA HIS C 167 -14.33 22.96 -20.12
C HIS C 167 -13.93 21.63 -20.73
N PHE C 168 -13.36 20.74 -19.91
CA PHE C 168 -12.82 19.47 -20.37
C PHE C 168 -13.56 18.29 -19.76
N THR C 169 -13.91 17.31 -20.57
CA THR C 169 -14.20 15.99 -20.05
C THR C 169 -12.94 15.18 -20.26
N TYR C 170 -12.86 14.00 -19.66
CA TYR C 170 -11.62 13.20 -19.65
C TYR C 170 -11.93 11.77 -19.26
N ARG C 171 -11.00 10.87 -19.57
CA ARG C 171 -11.13 9.47 -19.22
C ARG C 171 -10.65 9.25 -17.79
N LYS C 172 -9.67 10.04 -17.37
CA LYS C 172 -9.07 9.84 -16.07
C LYS C 172 -8.52 11.15 -15.55
N ILE C 173 -8.42 11.25 -14.23
CA ILE C 173 -7.83 12.40 -13.59
C ILE C 173 -6.94 11.91 -12.45
N THR C 174 -5.80 12.58 -12.28
CA THR C 174 -4.87 12.23 -11.22
C THR C 174 -4.50 13.50 -10.45
N TRP C 175 -4.54 13.42 -9.12
CA TRP C 175 -4.17 14.53 -8.26
C TRP C 175 -2.90 14.18 -7.50
N THR C 176 -1.90 15.05 -7.56
CA THR C 176 -0.64 14.78 -6.90
C THR C 176 -0.19 15.99 -6.12
N HIS C 177 0.20 15.77 -4.87
CA HIS C 177 0.83 16.81 -4.08
C HIS C 177 2.33 16.64 -4.27
N GLU C 178 2.99 17.66 -4.82
CA GLU C 178 4.39 17.54 -5.25
C GLU C 178 5.42 17.63 -4.13
N VAL C 179 4.99 18.01 -2.93
CA VAL C 179 5.96 18.19 -1.86
C VAL C 179 5.82 17.14 -0.76
N SER C 180 4.58 16.77 -0.45
CA SER C 180 4.33 15.79 0.61
C SER C 180 4.20 14.38 0.04
N GLY C 181 4.16 14.26 -1.28
CA GLY C 181 4.18 12.97 -1.95
C GLY C 181 2.92 12.13 -1.85
N THR C 182 1.78 12.77 -1.64
CA THR C 182 0.51 12.05 -1.68
C THR C 182 -0.09 12.15 -3.07
N SER C 183 -0.79 11.11 -3.50
CA SER C 183 -1.43 11.13 -4.80
C SER C 183 -2.67 10.23 -4.85
N GLY C 184 -3.39 10.35 -5.96
CA GLY C 184 -4.62 9.61 -6.15
C GLY C 184 -5.12 9.88 -7.54
N SER C 185 -5.90 8.94 -8.06
CA SER C 185 -6.40 9.03 -9.41
C SER C 185 -7.77 8.41 -9.43
N ASP C 186 -8.48 8.62 -10.52
CA ASP C 186 -9.74 7.91 -10.73
C ASP C 186 -10.21 8.13 -12.15
N ASP C 187 -11.11 7.27 -12.61
CA ASP C 187 -11.65 7.34 -13.94
C ASP C 187 -13.00 8.02 -13.92
N TRP C 188 -13.22 8.88 -14.91
CA TRP C 188 -14.51 9.49 -15.13
C TRP C 188 -15.64 8.46 -15.07
N ARG C 189 -16.75 8.84 -14.46
CA ARG C 189 -17.99 8.06 -14.53
C ARG C 189 -19.18 8.92 -14.92
N SER C 190 -19.96 8.39 -15.87
CA SER C 190 -21.15 9.03 -16.45
C SER C 190 -20.85 9.83 -17.72
N PRO D 26 -8.54 29.16 12.71
CA PRO D 26 -9.51 29.15 13.80
C PRO D 26 -10.45 27.92 13.79
N ALA D 27 -10.18 26.97 12.90
CA ALA D 27 -10.64 25.59 13.08
C ALA D 27 -9.69 24.61 12.39
N TYR D 28 -9.45 23.47 13.06
CA TYR D 28 -8.58 22.42 12.56
C TYR D 28 -9.33 21.11 12.61
N SER D 30 -9.30 16.75 12.00
CA SER D 30 -8.57 15.51 11.83
C SER D 30 -9.52 14.49 11.23
N ILE D 31 -9.01 13.64 10.36
CA ILE D 31 -9.83 12.58 9.76
C ILE D 31 -9.05 11.29 9.74
N THR D 32 -9.59 10.28 10.41
CA THR D 32 -9.01 8.94 10.42
C THR D 32 -9.91 8.02 9.61
N GLY D 33 -9.39 7.43 8.53
CA GLY D 33 -10.19 6.52 7.71
C GLY D 33 -9.97 5.06 8.08
N THR D 34 -10.87 4.18 7.63
CA THR D 34 -10.68 2.74 7.87
C THR D 34 -9.59 2.08 7.01
N LYS D 35 -9.25 2.67 5.86
CA LYS D 35 -8.14 2.12 5.10
C LYS D 35 -6.84 2.92 5.35
N GLN D 36 -6.89 4.24 5.22
CA GLN D 36 -5.67 5.06 5.22
C GLN D 36 -5.12 5.52 6.59
N GLY D 37 -5.86 5.27 7.66
CA GLY D 37 -5.47 5.80 8.96
C GLY D 37 -5.64 7.31 9.02
N LEU D 38 -4.75 7.99 9.73
CA LEU D 38 -4.84 9.43 9.91
C LEU D 38 -4.59 10.15 8.58
N ILE D 39 -5.66 10.33 7.81
CA ILE D 39 -5.60 10.98 6.49
C ILE D 39 -4.99 12.38 6.55
N THR D 40 -5.14 13.05 7.69
CA THR D 40 -4.64 14.40 7.83
C THR D 40 -3.25 14.43 8.51
N ALA D 41 -2.57 13.28 8.52
CA ALA D 41 -1.23 13.21 9.08
C ALA D 41 -0.31 14.13 8.29
N GLY D 42 0.44 14.98 8.99
CA GLY D 42 1.34 15.93 8.36
C GLY D 42 0.70 16.89 7.37
N ALA D 43 -0.57 17.21 7.56
CA ALA D 43 -1.31 18.03 6.61
C ALA D 43 -1.25 19.53 6.92
N PHE D 44 -0.78 19.91 8.11
CA PHE D 44 -0.58 21.33 8.39
C PHE D 44 0.89 21.56 8.76
N THR D 45 1.74 21.45 7.75
CA THR D 45 3.19 21.52 7.90
C THR D 45 3.71 22.39 6.77
N GLU D 46 5.01 22.68 6.79
CA GLU D 46 5.64 23.44 5.71
C GLU D 46 5.49 22.72 4.37
N ASP D 47 5.76 21.42 4.34
CA ASP D 47 5.61 20.63 3.12
C ASP D 47 4.19 20.69 2.57
N SER D 48 3.21 20.64 3.47
CA SER D 48 1.80 20.57 3.07
C SER D 48 1.25 21.87 2.54
N VAL D 49 1.46 22.96 3.29
CA VAL D 49 0.80 24.25 2.99
C VAL D 49 1.72 25.47 2.75
N GLY D 50 3.01 25.24 2.51
CA GLY D 50 3.91 26.33 2.19
C GLY D 50 3.99 27.38 3.27
N ASN D 51 3.81 28.64 2.91
CA ASN D 51 3.97 29.77 3.85
C ASN D 51 2.80 29.92 4.83
N THR D 52 1.71 29.20 4.55
CA THR D 52 0.51 29.21 5.39
C THR D 52 0.75 28.52 6.73
N TYR D 53 1.86 27.81 6.85
CA TYR D 53 2.15 26.99 8.02
C TYR D 53 2.15 27.77 9.34
N GLN D 54 1.54 27.18 10.35
CA GLN D 54 1.59 27.64 11.73
C GLN D 54 1.73 26.40 12.58
N GLU D 55 2.74 26.36 13.45
CA GLU D 55 3.02 25.18 14.25
C GLU D 55 1.89 24.90 15.26
N GLY D 56 1.75 23.64 15.67
CA GLY D 56 0.78 23.29 16.70
C GLY D 56 -0.41 22.44 16.29
N HIS D 57 -0.57 22.20 14.98
CA HIS D 57 -1.70 21.42 14.49
C HIS D 57 -1.29 20.52 13.33
N GLU D 58 -0.10 19.93 13.47
CA GLU D 58 0.57 19.28 12.35
C GLU D 58 -0.27 18.21 11.69
N ASP D 59 -1.01 17.46 12.50
CA ASP D 59 -1.78 16.34 11.97
C ASP D 59 -3.25 16.71 11.78
N GLN D 60 -3.53 18.00 11.57
CA GLN D 60 -4.87 18.45 11.20
C GLN D 60 -4.83 19.43 10.05
N VAL D 61 -5.83 19.35 9.19
CA VAL D 61 -5.99 20.33 8.12
C VAL D 61 -6.76 21.54 8.66
N VAL D 63 -9.53 24.42 8.71
CA VAL D 63 -10.85 24.66 8.15
C VAL D 63 -11.15 26.15 8.27
N GLN D 64 -11.59 26.76 7.16
CA GLN D 64 -11.86 28.19 7.18
C GLN D 64 -13.25 28.46 6.59
N GLY D 65 -14.05 27.41 6.53
CA GLY D 65 -15.42 27.49 6.06
C GLY D 65 -16.18 26.27 6.56
N PHE D 66 -17.43 26.50 6.96
CA PHE D 66 -18.23 25.43 7.52
C PHE D 66 -19.70 25.68 7.26
N ASN D 67 -20.42 24.61 7.00
CA ASN D 67 -21.88 24.65 6.84
C ASN D 67 -22.50 23.31 7.23
N HIS D 68 -23.51 23.37 8.08
CA HIS D 68 -24.18 22.15 8.52
C HIS D 68 -25.55 22.49 9.04
N GLU D 69 -26.48 21.54 8.93
CA GLU D 69 -27.83 21.85 9.32
C GLU D 69 -28.62 20.67 9.76
N VAL D 70 -29.47 20.90 10.75
CA VAL D 70 -30.47 19.95 11.19
C VAL D 70 -31.83 20.65 11.17
N ILE D 71 -32.85 19.94 10.72
CA ILE D 71 -34.17 20.52 10.52
C ILE D 71 -35.30 19.55 10.89
N ILE D 72 -36.33 20.04 11.56
CA ILE D 72 -37.48 19.18 11.79
C ILE D 72 -38.22 18.98 10.47
N GLY D 83 -42.98 13.79 14.24
CA GLY D 83 -42.11 14.38 13.22
C GLY D 83 -40.66 14.42 13.68
N GLN D 84 -39.85 13.46 13.22
CA GLN D 84 -38.46 13.35 13.68
C GLN D 84 -37.49 14.18 12.84
N ARG D 85 -36.45 14.69 13.49
CA ARG D 85 -35.38 15.43 12.84
C ARG D 85 -34.72 14.65 11.68
N VAL D 86 -34.17 15.38 10.70
CA VAL D 86 -33.34 14.78 9.67
C VAL D 86 -32.03 15.59 9.55
N HIS D 87 -30.90 14.93 9.27
CA HIS D 87 -29.62 15.62 9.16
C HIS D 87 -29.25 15.99 7.73
N LYS D 88 -28.44 17.04 7.58
CA LYS D 88 -27.84 17.39 6.30
C LYS D 88 -26.35 17.09 6.35
N PRO D 89 -25.69 17.07 5.18
CA PRO D 89 -24.26 16.78 5.27
C PRO D 89 -23.53 17.94 5.91
N VAL D 90 -22.42 17.65 6.59
CA VAL D 90 -21.54 18.70 7.08
C VAL D 90 -20.64 19.13 5.93
N VAL D 91 -20.60 20.42 5.65
CA VAL D 91 -19.70 20.92 4.62
C VAL D 91 -18.56 21.66 5.27
N ILE D 92 -17.34 21.40 4.81
CA ILE D 92 -16.19 22.15 5.26
C ILE D 92 -15.39 22.66 4.05
N THR D 93 -14.72 23.79 4.21
CA THR D 93 -13.88 24.33 3.16
C THR D 93 -12.45 24.32 3.66
N LYS D 94 -11.55 23.71 2.89
CA LYS D 94 -10.13 23.70 3.21
C LYS D 94 -9.37 24.14 1.97
N VAL D 95 -8.08 24.39 2.09
CA VAL D 95 -7.25 24.66 0.92
C VAL D 95 -6.67 23.36 0.39
N PHE D 96 -6.03 23.41 -0.77
CA PHE D 96 -5.28 22.28 -1.29
C PHE D 96 -4.08 22.00 -0.37
N ASP D 97 -3.95 20.75 0.06
CA ASP D 97 -2.87 20.34 0.95
C ASP D 97 -2.59 18.83 0.82
N LYS D 98 -1.76 18.29 1.71
CA LYS D 98 -1.34 16.90 1.63
C LYS D 98 -2.50 15.91 1.63
N ALA D 99 -3.54 16.20 2.39
CA ALA D 99 -4.71 15.31 2.53
C ALA D 99 -5.60 15.30 1.29
N SER D 100 -5.42 16.28 0.41
CA SER D 100 -6.32 16.45 -0.71
C SER D 100 -6.47 15.18 -1.54
N PRO D 101 -5.37 14.70 -2.14
CA PRO D 101 -5.54 13.48 -2.93
C PRO D 101 -6.15 12.35 -2.10
N LEU D 102 -5.86 12.30 -0.81
CA LEU D 102 -6.31 11.20 0.04
C LEU D 102 -7.81 11.27 0.30
N LEU D 103 -8.28 12.49 0.45
CA LEU D 103 -9.69 12.79 0.53
C LEU D 103 -10.46 12.43 -0.73
N LEU D 104 -9.89 12.81 -1.88
CA LEU D 104 -10.54 12.51 -3.15
C LEU D 104 -10.53 11.03 -3.41
N ALA D 105 -9.51 10.36 -2.87
CA ALA D 105 -9.46 8.90 -2.91
C ALA D 105 -10.50 8.30 -1.97
N ALA D 106 -10.63 8.86 -0.77
CA ALA D 106 -11.65 8.41 0.17
C ALA D 106 -13.06 8.58 -0.43
N LEU D 107 -13.25 9.61 -1.24
CA LEU D 107 -14.55 9.87 -1.84
C LEU D 107 -14.83 8.81 -2.90
N THR D 108 -13.88 8.65 -3.82
CA THR D 108 -14.09 7.77 -4.97
C THR D 108 -14.00 6.28 -4.64
N SER D 109 -13.45 5.94 -3.46
CA SER D 109 -13.45 4.57 -2.99
C SER D 109 -14.67 4.26 -2.14
N GLY D 110 -15.22 5.29 -1.49
CA GLY D 110 -16.35 5.12 -0.58
C GLY D 110 -15.87 4.72 0.81
N GLU D 111 -14.61 5.01 1.11
CA GLU D 111 -14.02 4.63 2.39
C GLU D 111 -14.80 5.22 3.58
N ARG D 112 -15.07 4.38 4.56
CA ARG D 112 -15.77 4.82 5.76
C ARG D 112 -14.80 5.61 6.63
N LEU D 113 -15.18 6.83 7.02
CA LEU D 113 -14.32 7.60 7.90
C LEU D 113 -14.63 7.35 9.38
N THR D 114 -13.78 6.58 10.06
CA THR D 114 -13.99 6.27 11.48
C THR D 114 -14.28 7.54 12.30
N LYS D 115 -13.44 8.56 12.10
CA LYS D 115 -13.56 9.80 12.86
C LYS D 115 -13.31 10.99 11.93
N VAL D 116 -14.16 12.00 12.02
CA VAL D 116 -13.85 13.32 11.48
C VAL D 116 -14.02 14.28 12.66
N GLU D 117 -12.95 14.96 13.05
CA GLU D 117 -13.03 15.81 14.24
C GLU D 117 -12.62 17.27 14.00
N ILE D 118 -13.54 18.19 14.30
CA ILE D 118 -13.30 19.62 14.10
C ILE D 118 -13.16 20.37 15.44
N GLN D 119 -11.99 20.94 15.67
CA GLN D 119 -11.74 21.74 16.85
C GLN D 119 -11.80 23.21 16.50
N TRP D 120 -12.73 23.92 17.11
CA TRP D 120 -12.93 25.34 16.83
C TRP D 120 -12.18 26.21 17.84
N TYR D 121 -11.40 27.16 17.33
CA TYR D 121 -10.63 28.06 18.19
C TYR D 121 -11.20 29.49 18.21
N ARG D 122 -10.84 30.21 19.27
CA ARG D 122 -11.29 31.58 19.48
C ARG D 122 -10.28 32.24 20.40
N THR D 123 -10.36 33.57 20.50
CA THR D 123 -9.53 34.33 21.44
C THR D 123 -10.16 34.29 22.82
N SER D 124 -9.44 33.74 23.80
CA SER D 124 -9.94 33.65 25.17
C SER D 124 -10.19 35.05 25.69
N ALA D 125 -10.92 35.14 26.80
CA ALA D 125 -11.20 36.43 27.42
C ALA D 125 -9.91 37.09 27.92
N ALA D 126 -8.88 36.28 28.18
CA ALA D 126 -7.58 36.78 28.61
C ALA D 126 -6.64 37.10 27.43
N GLY D 127 -7.10 36.84 26.22
CA GLY D 127 -6.36 37.25 25.03
C GLY D 127 -5.55 36.18 24.32
N THR D 128 -5.83 34.91 24.61
CA THR D 128 -5.06 33.80 24.07
C THR D 128 -5.90 32.90 23.16
N GLN D 129 -5.30 32.34 22.12
CA GLN D 129 -6.00 31.34 21.31
C GLN D 129 -6.30 30.11 22.14
N GLU D 130 -7.58 29.74 22.19
CA GLU D 130 -7.98 28.58 22.95
C GLU D 130 -8.98 27.74 22.20
N HIS D 131 -8.81 26.43 22.31
CA HIS D 131 -9.77 25.46 21.77
C HIS D 131 -11.07 25.43 22.62
N TYR D 132 -12.17 25.91 22.06
CA TYR D 132 -13.39 26.09 22.87
C TYR D 132 -14.59 25.23 22.45
N TYR D 133 -14.52 24.57 21.30
CA TYR D 133 -15.65 23.79 20.76
C TYR D 133 -15.14 22.61 19.93
N THR D 134 -15.92 21.54 19.91
CA THR D 134 -15.63 20.40 19.05
C THR D 134 -16.91 19.90 18.40
N THR D 135 -16.83 19.61 17.11
CA THR D 135 -17.86 18.88 16.40
C THR D 135 -17.24 17.59 15.89
N VAL D 136 -17.77 16.44 16.31
CA VAL D 136 -17.21 15.15 15.94
C VAL D 136 -18.23 14.30 15.19
N LEU D 137 -17.87 13.89 13.97
CA LEU D 137 -18.69 12.94 13.21
C LEU D 137 -18.12 11.54 13.33
N GLU D 138 -18.96 10.59 13.70
CA GLU D 138 -18.60 9.16 13.73
C GLU D 138 -19.06 8.46 12.44
N ASP D 139 -18.15 7.71 11.81
CA ASP D 139 -18.45 6.97 10.58
C ASP D 139 -19.00 7.89 9.49
N ALA D 140 -18.17 8.83 9.08
CA ALA D 140 -18.54 9.79 8.07
C ALA D 140 -18.26 9.21 6.71
N ILE D 141 -18.99 9.68 5.70
CA ILE D 141 -18.77 9.31 4.33
C ILE D 141 -18.64 10.60 3.55
N ILE D 142 -17.63 10.71 2.69
CA ILE D 142 -17.53 11.88 1.82
C ILE D 142 -18.43 11.72 0.58
N VAL D 143 -19.33 12.67 0.36
CA VAL D 143 -20.25 12.55 -0.76
C VAL D 143 -20.14 13.66 -1.81
N ASP D 144 -19.13 14.51 -1.66
CA ASP D 144 -18.94 15.60 -2.62
C ASP D 144 -17.66 16.33 -2.29
N ILE D 145 -16.88 16.62 -3.33
CA ILE D 145 -15.69 17.47 -3.21
C ILE D 145 -15.61 18.45 -4.37
N LYS D 146 -15.57 19.72 -4.04
CA LYS D 146 -15.49 20.80 -5.01
C LYS D 146 -14.13 21.50 -4.88
N ASP D 147 -13.31 21.42 -5.93
CA ASP D 147 -11.99 22.05 -5.98
C ASP D 147 -12.12 23.33 -6.77
N TYR D 148 -11.57 24.43 -6.28
CA TYR D 148 -11.79 25.71 -6.98
C TYR D 148 -10.83 26.85 -6.65
N THR D 161 -6.64 30.79 -1.69
CA THR D 161 -6.75 30.91 -3.14
C THR D 161 -7.13 29.57 -3.83
N HIS D 162 -6.44 28.50 -3.49
CA HIS D 162 -6.76 27.18 -4.05
C HIS D 162 -7.56 26.34 -3.04
N LEU D 163 -8.88 26.32 -3.22
CA LEU D 163 -9.80 25.83 -2.19
C LEU D 163 -10.50 24.52 -2.52
N GLU D 164 -11.06 23.90 -1.50
CA GLU D 164 -11.68 22.61 -1.66
C GLU D 164 -12.73 22.38 -0.57
N ASP D 165 -13.97 22.14 -1.02
CA ASP D 165 -15.10 21.89 -0.12
C ASP D 165 -15.32 20.42 -0.01
N VAL D 166 -15.56 19.96 1.22
CA VAL D 166 -15.84 18.55 1.48
C VAL D 166 -17.21 18.38 2.14
N HIS D 167 -18.05 17.51 1.58
CA HIS D 167 -19.31 17.17 2.21
C HIS D 167 -19.25 15.77 2.81
N PHE D 168 -19.69 15.66 4.07
CA PHE D 168 -19.72 14.40 4.80
C PHE D 168 -21.17 14.10 5.20
N THR D 169 -21.62 12.88 5.01
CA THR D 169 -22.73 12.38 5.82
C THR D 169 -22.06 11.46 6.80
N TYR D 170 -22.80 10.98 7.80
CA TYR D 170 -22.21 10.30 8.93
C TYR D 170 -23.28 9.46 9.62
N ARG D 171 -22.88 8.76 10.68
CA ARG D 171 -23.82 8.01 11.49
C ARG D 171 -24.16 8.77 12.79
N LYS D 172 -23.17 9.39 13.42
CA LYS D 172 -23.43 10.14 14.63
C LYS D 172 -22.59 11.41 14.71
N ILE D 173 -23.22 12.50 15.16
CA ILE D 173 -22.49 13.74 15.37
C ILE D 173 -22.58 14.11 16.85
N THR D 174 -21.49 14.65 17.37
CA THR D 174 -21.41 15.09 18.76
C THR D 174 -20.97 16.56 18.78
N TRP D 175 -21.54 17.36 19.67
CA TRP D 175 -21.14 18.76 19.88
C TRP D 175 -20.68 18.98 21.31
N THR D 176 -19.53 19.61 21.51
CA THR D 176 -19.10 19.87 22.88
C THR D 176 -18.52 21.27 23.04
N HIS D 177 -18.97 22.01 24.05
CA HIS D 177 -18.35 23.29 24.36
C HIS D 177 -17.30 23.00 25.41
N GLU D 178 -16.03 23.05 25.00
CA GLU D 178 -14.92 22.59 25.81
C GLU D 178 -14.72 23.42 27.08
N VAL D 179 -15.05 24.71 27.02
CA VAL D 179 -14.79 25.59 28.16
C VAL D 179 -15.95 25.66 29.16
N SER D 180 -17.19 25.56 28.67
CA SER D 180 -18.37 25.67 29.53
C SER D 180 -18.94 24.31 29.91
N GLY D 181 -18.40 23.25 29.31
CA GLY D 181 -18.74 21.90 29.69
C GLY D 181 -20.17 21.46 29.39
N THR D 182 -20.67 21.86 28.23
CA THR D 182 -21.98 21.42 27.78
C THR D 182 -21.78 20.54 26.55
N SER D 183 -22.70 19.61 26.29
CA SER D 183 -22.56 18.70 25.16
CA SER D 183 -22.56 18.68 25.16
C SER D 183 -23.91 18.12 24.73
N GLY D 184 -23.96 17.62 23.50
CA GLY D 184 -25.14 16.98 22.94
C GLY D 184 -24.70 16.10 21.77
N SER D 185 -25.61 15.31 21.21
CA SER D 185 -25.28 14.50 20.04
C SER D 185 -26.54 13.88 19.47
N ASP D 186 -26.44 13.41 18.24
CA ASP D 186 -27.61 12.87 17.58
C ASP D 186 -27.21 11.89 16.49
N ASP D 187 -27.95 10.80 16.42
CA ASP D 187 -27.86 9.89 15.31
C ASP D 187 -28.38 10.55 14.06
N TRP D 188 -27.74 10.24 12.94
CA TRP D 188 -28.20 10.67 11.65
C TRP D 188 -29.57 10.08 11.31
N ARG D 189 -30.45 10.93 10.77
CA ARG D 189 -31.72 10.52 10.20
C ARG D 189 -32.00 11.50 9.07
N ALA E 24 -22.75 -16.02 22.70
CA ALA E 24 -22.42 -16.25 24.10
C ALA E 24 -22.69 -14.98 24.94
N THR E 25 -21.69 -14.57 25.70
CA THR E 25 -21.65 -13.23 26.26
C THR E 25 -20.27 -12.70 25.92
N PRO E 26 -19.97 -12.60 24.61
CA PRO E 26 -18.65 -12.21 24.13
C PRO E 26 -18.61 -10.70 24.02
N ALA E 27 -17.41 -10.17 23.80
CA ALA E 27 -17.23 -8.78 23.48
C ALA E 27 -16.57 -8.78 22.11
N TYR E 28 -16.89 -7.79 21.28
CA TYR E 28 -16.24 -7.68 19.99
C TYR E 28 -15.58 -6.32 19.96
N SER E 30 -13.20 -3.21 17.73
CA SER E 30 -12.66 -2.63 16.52
C SER E 30 -11.48 -1.79 16.93
N ILE E 31 -10.47 -1.74 16.07
CA ILE E 31 -9.38 -0.81 16.27
C ILE E 31 -9.11 -0.03 14.99
N THR E 32 -8.93 1.27 15.14
CA THR E 32 -8.50 2.13 14.03
C THR E 32 -7.21 2.81 14.45
N GLY E 33 -6.13 2.58 13.71
CA GLY E 33 -4.83 3.14 14.04
C GLY E 33 -4.44 4.30 13.14
N THR E 34 -3.79 5.30 13.71
CA THR E 34 -3.40 6.47 12.93
C THR E 34 -2.52 6.09 11.75
N LYS E 35 -1.89 4.93 11.83
CA LYS E 35 -1.03 4.44 10.78
C LYS E 35 -1.77 3.44 9.90
N GLN E 36 -2.32 2.41 10.54
CA GLN E 36 -2.82 1.25 9.82
C GLN E 36 -4.29 1.29 9.45
N GLY E 37 -5.00 2.35 9.80
CA GLY E 37 -6.42 2.39 9.55
C GLY E 37 -7.16 1.41 10.46
N LEU E 38 -8.12 0.67 9.90
CA LEU E 38 -8.90 -0.27 10.70
C LEU E 38 -8.14 -1.58 10.84
N ILE E 39 -7.66 -1.84 12.05
CA ILE E 39 -6.75 -2.95 12.29
C ILE E 39 -7.54 -4.25 12.46
N THR E 40 -8.82 -4.10 12.78
CA THR E 40 -9.68 -5.24 13.00
C THR E 40 -10.41 -5.64 11.71
N ALA E 41 -10.09 -4.97 10.61
CA ALA E 41 -10.74 -5.22 9.32
C ALA E 41 -10.64 -6.68 8.87
N GLY E 42 -11.80 -7.31 8.67
CA GLY E 42 -11.86 -8.72 8.28
C GLY E 42 -11.12 -9.66 9.23
N ALA E 43 -11.00 -9.27 10.49
CA ALA E 43 -10.31 -10.09 11.49
C ALA E 43 -11.22 -11.07 12.23
N PHE E 44 -12.54 -10.99 12.03
CA PHE E 44 -13.42 -12.06 12.47
C PHE E 44 -14.10 -12.70 11.27
N THR E 45 -13.30 -13.45 10.52
CA THR E 45 -13.70 -14.08 9.28
C THR E 45 -13.16 -15.51 9.27
N GLU E 46 -13.67 -16.34 8.36
CA GLU E 46 -13.17 -17.70 8.18
C GLU E 46 -11.66 -17.73 8.00
N ASP E 47 -11.16 -16.85 7.15
CA ASP E 47 -9.71 -16.75 6.95
C ASP E 47 -8.98 -16.44 8.25
N SER E 48 -9.45 -15.43 8.99
CA SER E 48 -8.73 -14.95 10.18
C SER E 48 -8.83 -15.83 11.42
N VAL E 49 -10.00 -16.41 11.66
CA VAL E 49 -10.23 -17.18 12.87
C VAL E 49 -10.54 -18.65 12.57
N GLY E 50 -10.97 -18.92 11.34
CA GLY E 50 -11.24 -20.28 10.93
C GLY E 50 -12.54 -20.81 11.53
N ASN E 51 -12.47 -22.00 12.10
CA ASN E 51 -13.66 -22.69 12.62
C ASN E 51 -14.43 -21.89 13.66
N THR E 52 -13.77 -20.89 14.25
CA THR E 52 -14.36 -20.04 15.29
C THR E 52 -15.35 -19.03 14.70
N TYR E 53 -15.34 -18.89 13.39
CA TYR E 53 -16.11 -17.86 12.69
C TYR E 53 -17.61 -17.88 13.01
N GLN E 54 -18.14 -16.71 13.38
CA GLN E 54 -19.58 -16.48 13.36
C GLN E 54 -19.80 -15.16 12.63
N GLU E 55 -20.71 -15.17 11.66
CA GLU E 55 -20.96 -13.99 10.84
C GLU E 55 -21.53 -12.85 11.68
N GLY E 56 -21.28 -11.62 11.25
CA GLY E 56 -21.86 -10.47 11.91
C GLY E 56 -20.89 -9.51 12.59
N HIS E 57 -19.62 -9.88 12.64
CA HIS E 57 -18.64 -9.06 13.35
C HIS E 57 -17.30 -9.12 12.66
N GLU E 58 -17.35 -9.21 11.34
CA GLU E 58 -16.20 -9.46 10.48
C GLU E 58 -15.13 -8.38 10.58
N ASP E 59 -15.48 -7.23 11.13
CA ASP E 59 -14.54 -6.11 11.18
C ASP E 59 -14.15 -5.79 12.60
N GLN E 60 -14.37 -6.78 13.46
CA GLN E 60 -13.88 -6.72 14.82
C GLN E 60 -13.12 -7.99 15.18
N VAL E 61 -12.63 -8.02 16.40
CA VAL E 61 -11.96 -9.18 16.95
C VAL E 61 -12.79 -9.69 18.13
N VAL E 63 -13.20 -10.70 21.50
CA VAL E 63 -12.51 -10.51 22.76
C VAL E 63 -12.97 -11.48 23.82
N GLN E 64 -12.03 -12.26 24.33
CA GLN E 64 -12.36 -13.33 25.25
C GLN E 64 -11.83 -13.07 26.66
N GLY E 65 -11.31 -11.86 26.88
CA GLY E 65 -10.87 -11.44 28.19
C GLY E 65 -11.06 -9.95 28.34
N PHE E 66 -11.19 -9.50 29.59
CA PHE E 66 -11.22 -8.08 29.86
C PHE E 66 -10.86 -7.80 31.32
N ASN E 67 -10.05 -6.78 31.55
CA ASN E 67 -9.70 -6.33 32.90
C ASN E 67 -9.36 -4.85 32.83
N HIS E 68 -9.79 -4.09 33.82
CA HIS E 68 -9.49 -2.67 33.88
C HIS E 68 -9.82 -2.15 35.26
N GLU E 69 -9.09 -1.15 35.71
CA GLU E 69 -9.37 -0.62 37.04
C GLU E 69 -8.98 0.82 37.23
N VAL E 70 -9.87 1.56 37.87
CA VAL E 70 -9.65 2.94 38.24
C VAL E 70 -9.73 3.07 39.77
N ILE E 71 -8.74 3.69 40.38
CA ILE E 71 -8.72 3.70 41.83
C ILE E 71 -8.47 5.09 42.40
N ILE E 72 -8.85 5.27 43.66
CA ILE E 72 -8.54 6.47 44.39
C ILE E 72 -7.49 6.08 45.42
N PRO E 73 -6.25 6.56 45.24
CA PRO E 73 -5.15 6.27 46.17
C PRO E 73 -5.47 6.67 47.61
N ARG E 85 -7.77 10.68 40.72
CA ARG E 85 -7.95 9.26 40.42
C ARG E 85 -6.84 8.73 39.49
N VAL E 86 -6.65 7.42 39.52
CA VAL E 86 -5.60 6.80 38.74
C VAL E 86 -6.17 5.71 37.84
N HIS E 87 -6.02 5.88 36.53
CA HIS E 87 -6.44 4.85 35.61
C HIS E 87 -5.36 3.78 35.51
N LYS E 88 -5.78 2.53 35.29
CA LYS E 88 -4.87 1.44 34.95
C LYS E 88 -5.15 1.03 33.52
N PRO E 89 -4.17 0.42 32.84
CA PRO E 89 -4.36 0.04 31.44
C PRO E 89 -5.55 -0.88 31.24
N VAL E 90 -6.18 -0.80 30.08
CA VAL E 90 -7.22 -1.75 29.72
C VAL E 90 -6.52 -2.99 29.17
N VAL E 91 -7.04 -4.16 29.54
CA VAL E 91 -6.43 -5.41 29.18
C VAL E 91 -7.47 -6.29 28.53
N ILE E 92 -7.38 -6.49 27.22
CA ILE E 92 -8.27 -7.47 26.60
C ILE E 92 -7.52 -8.78 26.37
N THR E 93 -8.24 -9.78 25.86
CA THR E 93 -7.66 -11.06 25.55
C THR E 93 -8.42 -11.59 24.35
N LYS E 94 -7.68 -12.10 23.37
CA LYS E 94 -8.27 -12.61 22.14
C LYS E 94 -7.51 -13.90 21.79
N VAL E 95 -7.79 -14.48 20.63
CA VAL E 95 -6.96 -15.58 20.12
C VAL E 95 -6.02 -15.01 19.05
N PHE E 96 -5.06 -15.80 18.55
CA PHE E 96 -4.22 -15.34 17.43
C PHE E 96 -5.14 -15.15 16.24
N ASP E 97 -4.92 -14.10 15.45
CA ASP E 97 -5.73 -13.83 14.27
C ASP E 97 -5.03 -12.91 13.28
N LYS E 98 -5.79 -12.40 12.31
CA LYS E 98 -5.28 -11.51 11.28
C LYS E 98 -4.71 -10.19 11.86
N ALA E 99 -5.38 -9.67 12.88
CA ALA E 99 -4.96 -8.45 13.58
C ALA E 99 -3.65 -8.64 14.35
N SER E 100 -3.47 -9.83 14.92
CA SER E 100 -2.38 -10.11 15.83
C SER E 100 -1.05 -9.56 15.39
N PRO E 101 -0.66 -9.83 14.14
CA PRO E 101 0.65 -9.36 13.68
C PRO E 101 0.63 -7.86 13.56
N LEU E 102 -0.57 -7.32 13.38
CA LEU E 102 -0.75 -5.89 13.23
C LEU E 102 -0.58 -5.20 14.55
N LEU E 103 -1.21 -5.77 15.58
CA LEU E 103 -1.18 -5.21 16.93
C LEU E 103 0.22 -5.17 17.48
N LEU E 104 1.02 -6.18 17.13
CA LEU E 104 2.42 -6.21 17.53
C LEU E 104 3.12 -5.04 16.88
N ALA E 105 2.85 -4.83 15.60
CA ALA E 105 3.40 -3.66 14.91
C ALA E 105 2.97 -2.39 15.64
N ALA E 106 1.69 -2.32 15.99
CA ALA E 106 1.18 -1.20 16.76
C ALA E 106 2.03 -0.96 18.02
N LEU E 107 2.24 -2.01 18.81
CA LEU E 107 2.96 -1.90 20.06
C LEU E 107 4.39 -1.44 19.82
N THR E 108 5.10 -2.14 18.94
CA THR E 108 6.52 -1.86 18.71
C THR E 108 6.77 -0.51 18.05
N SER E 109 5.80 -0.03 17.29
CA SER E 109 5.99 1.23 16.56
C SER E 109 5.63 2.39 17.46
N GLY E 110 4.95 2.08 18.57
CA GLY E 110 4.40 3.11 19.44
C GLY E 110 3.27 3.91 18.79
N GLU E 111 2.53 3.27 17.88
CA GLU E 111 1.48 3.93 17.12
C GLU E 111 0.23 4.25 17.97
N ARG E 112 -0.15 5.53 18.03
N ARG E 112 -0.15 5.53 17.99
CA ARG E 112 -1.36 5.94 18.73
CA ARG E 112 -1.37 5.96 18.65
C ARG E 112 -2.61 5.40 18.01
C ARG E 112 -2.59 5.34 17.99
N LEU E 113 -3.53 4.85 18.79
CA LEU E 113 -4.77 4.32 18.25
C LEU E 113 -5.91 5.32 18.45
N THR E 114 -6.38 5.91 17.35
CA THR E 114 -7.48 6.90 17.39
C THR E 114 -8.68 6.40 18.20
N LYS E 115 -9.13 5.18 17.89
CA LYS E 115 -10.24 4.55 18.60
C LYS E 115 -10.09 3.03 18.79
N VAL E 116 -10.24 2.58 20.03
CA VAL E 116 -10.46 1.18 20.34
C VAL E 116 -11.84 1.18 20.98
N GLU E 117 -12.74 0.36 20.46
CA GLU E 117 -14.09 0.34 21.00
C GLU E 117 -14.51 -1.08 21.23
N ILE E 118 -14.81 -1.40 22.49
CA ILE E 118 -15.23 -2.70 22.95
C ILE E 118 -16.75 -2.76 23.08
N GLN E 119 -17.37 -3.72 22.41
CA GLN E 119 -18.81 -3.81 22.41
C GLN E 119 -19.28 -5.05 23.15
N TRP E 120 -20.09 -4.84 24.18
CA TRP E 120 -20.50 -5.94 25.05
C TRP E 120 -21.86 -6.54 24.66
N TYR E 121 -21.91 -7.87 24.58
CA TYR E 121 -23.14 -8.58 24.18
C TYR E 121 -23.66 -9.50 25.29
N ARG E 122 -24.98 -9.64 25.33
CA ARG E 122 -25.62 -10.50 26.32
C ARG E 122 -26.85 -11.13 25.69
N THR E 123 -27.45 -12.08 26.41
CA THR E 123 -28.73 -12.64 26.02
C THR E 123 -29.82 -11.74 26.58
N SER E 124 -30.68 -11.23 25.69
CA SER E 124 -31.68 -10.26 26.10
C SER E 124 -32.74 -10.88 27.01
N ALA E 125 -33.66 -10.05 27.46
CA ALA E 125 -34.83 -10.56 28.18
C ALA E 125 -35.69 -11.45 27.26
N ALA E 126 -35.72 -11.17 25.96
CA ALA E 126 -36.51 -11.98 25.02
C ALA E 126 -35.77 -13.18 24.39
N GLY E 127 -34.61 -13.53 24.92
CA GLY E 127 -33.89 -14.72 24.48
C GLY E 127 -32.99 -14.55 23.26
N THR E 128 -32.68 -13.31 22.92
CA THR E 128 -31.90 -13.02 21.72
C THR E 128 -30.65 -12.20 22.06
N GLN E 129 -29.54 -12.48 21.39
CA GLN E 129 -28.30 -11.78 21.71
C GLN E 129 -28.40 -10.31 21.35
N GLU E 130 -28.00 -9.44 22.28
CA GLU E 130 -28.04 -8.00 22.03
C GLU E 130 -26.79 -7.28 22.49
N HIS E 131 -26.45 -6.21 21.78
CA HIS E 131 -25.42 -5.29 22.22
C HIS E 131 -25.97 -4.36 23.31
N TYR E 132 -25.44 -4.47 24.51
CA TYR E 132 -26.03 -3.74 25.63
C TYR E 132 -25.08 -2.76 26.34
N TYR E 133 -23.77 -2.86 26.09
CA TYR E 133 -22.79 -1.97 26.74
C TYR E 133 -21.64 -1.64 25.78
N THR E 134 -21.03 -0.46 25.94
CA THR E 134 -19.83 -0.09 25.19
C THR E 134 -18.76 0.55 26.07
N THR E 135 -17.53 0.12 25.85
CA THR E 135 -16.35 0.70 26.43
C THR E 135 -15.56 1.23 25.24
N VAL E 136 -15.05 2.45 25.33
CA VAL E 136 -14.39 3.03 24.17
C VAL E 136 -13.16 3.82 24.57
N LEU E 137 -12.04 3.51 23.94
CA LEU E 137 -10.81 4.28 24.15
C LEU E 137 -10.61 5.29 23.02
N GLU E 138 -10.20 6.50 23.41
CA GLU E 138 -9.68 7.49 22.47
C GLU E 138 -8.16 7.63 22.65
N ASP E 139 -7.43 7.78 21.55
CA ASP E 139 -5.98 7.97 21.58
C ASP E 139 -5.24 6.99 22.48
N ALA E 140 -5.54 5.71 22.28
CA ALA E 140 -4.96 4.64 23.05
C ALA E 140 -3.59 4.25 22.50
N ILE E 141 -2.84 3.51 23.31
CA ILE E 141 -1.50 3.08 22.93
C ILE E 141 -1.27 1.70 23.53
N ILE E 142 -0.88 0.74 22.70
CA ILE E 142 -0.60 -0.61 23.21
C ILE E 142 0.73 -0.69 24.00
N VAL E 143 0.64 -1.04 25.28
CA VAL E 143 1.81 -0.95 26.15
C VAL E 143 2.46 -2.30 26.45
N ASP E 144 1.74 -3.38 26.17
CA ASP E 144 2.22 -4.73 26.43
CA ASP E 144 2.25 -4.73 26.37
C ASP E 144 1.37 -5.74 25.65
N ILE E 145 2.00 -6.79 25.13
CA ILE E 145 1.28 -7.93 24.56
C ILE E 145 1.89 -9.23 25.07
N LYS E 146 1.04 -10.21 25.30
CA LYS E 146 1.49 -11.51 25.75
C LYS E 146 0.83 -12.57 24.89
N ASP E 147 1.66 -13.45 24.34
CA ASP E 147 1.23 -14.55 23.51
C ASP E 147 1.40 -15.82 24.31
N TYR E 148 0.37 -16.66 24.39
CA TYR E 148 0.48 -17.91 25.14
C TYR E 148 -0.52 -18.97 24.70
N HIS E 150 -2.90 -22.22 25.68
CA HIS E 150 -3.65 -22.72 26.82
C HIS E 150 -4.47 -23.96 26.46
N PHE E 160 -10.65 -22.49 22.58
CA PHE E 160 -9.70 -21.50 22.07
C PHE E 160 -8.35 -21.67 22.76
N THR E 161 -7.45 -22.39 22.10
CA THR E 161 -6.22 -22.84 22.72
C THR E 161 -5.04 -21.88 22.48
N HIS E 162 -5.10 -21.08 21.41
CA HIS E 162 -4.04 -20.10 21.14
C HIS E 162 -4.48 -18.67 21.52
N LEU E 163 -3.82 -18.11 22.53
CA LEU E 163 -4.30 -16.88 23.17
C LEU E 163 -3.38 -15.67 23.08
N GLU E 164 -3.85 -14.54 23.59
CA GLU E 164 -3.10 -13.32 23.44
C GLU E 164 -3.80 -12.15 24.14
N ASP E 165 -3.17 -11.66 25.19
CA ASP E 165 -3.60 -10.48 25.93
C ASP E 165 -2.99 -9.24 25.30
N VAL E 166 -3.77 -8.17 25.21
CA VAL E 166 -3.26 -6.86 24.80
C VAL E 166 -3.62 -5.76 25.80
N HIS E 167 -2.65 -4.89 26.12
CA HIS E 167 -2.87 -3.83 27.11
C HIS E 167 -2.76 -2.43 26.51
N PHE E 168 -3.83 -1.65 26.66
CA PHE E 168 -3.85 -0.29 26.13
C PHE E 168 -3.81 0.73 27.25
N THR E 169 -3.04 1.79 27.05
CA THR E 169 -3.29 3.01 27.78
C THR E 169 -4.11 3.88 26.81
N TYR E 170 -4.53 5.06 27.26
CA TYR E 170 -5.46 5.90 26.48
C TYR E 170 -5.60 7.27 27.11
N ARG E 171 -6.14 8.22 26.35
CA ARG E 171 -6.30 9.57 26.86
C ARG E 171 -7.64 9.68 27.56
N LYS E 172 -8.59 8.84 27.15
CA LYS E 172 -9.95 8.98 27.64
C LYS E 172 -10.70 7.68 27.48
N ILE E 173 -11.61 7.41 28.40
CA ILE E 173 -12.42 6.23 28.33
C ILE E 173 -13.86 6.62 28.54
N THR E 174 -14.74 6.01 27.75
CA THR E 174 -16.15 6.27 27.84
C THR E 174 -16.87 4.95 28.09
N TRP E 175 -17.79 4.95 29.05
CA TRP E 175 -18.61 3.79 29.33
C TRP E 175 -20.05 4.13 29.03
N THR E 176 -20.72 3.28 28.26
CA THR E 176 -22.09 3.56 27.87
C THR E 176 -22.94 2.32 27.98
N HIS E 177 -24.07 2.42 28.66
CA HIS E 177 -25.04 1.34 28.67
C HIS E 177 -25.99 1.59 27.50
N GLU E 178 -26.11 0.63 26.59
CA GLU E 178 -26.83 0.81 25.30
C GLU E 178 -28.35 0.68 25.35
N VAL E 179 -28.87 -0.06 26.33
CA VAL E 179 -30.32 -0.26 26.41
C VAL E 179 -31.00 0.67 27.42
N SER E 180 -30.33 0.90 28.56
CA SER E 180 -30.89 1.74 29.61
C SER E 180 -30.46 3.21 29.49
N GLY E 181 -29.45 3.47 28.67
CA GLY E 181 -29.15 4.83 28.25
C GLY E 181 -28.25 5.64 29.16
N THR E 182 -27.56 4.98 30.07
CA THR E 182 -26.60 5.66 30.92
C THR E 182 -25.24 5.71 30.24
N SER E 183 -24.48 6.75 30.53
CA SER E 183 -23.12 6.82 30.01
C SER E 183 -22.26 7.62 30.96
N GLY E 184 -20.95 7.58 30.72
CA GLY E 184 -19.96 8.21 31.56
C GLY E 184 -18.59 8.08 30.93
N SER E 185 -17.72 9.04 31.19
CA SER E 185 -16.45 9.11 30.52
C SER E 185 -15.46 9.78 31.45
N ASP E 186 -14.18 9.63 31.15
CA ASP E 186 -13.18 10.31 31.94
C ASP E 186 -11.78 10.25 31.33
N ASP E 187 -11.00 11.25 31.67
CA ASP E 187 -9.64 11.34 31.17
CA ASP E 187 -9.63 11.38 31.18
C ASP E 187 -8.68 10.55 32.05
N TRP E 188 -7.87 9.72 31.42
CA TRP E 188 -6.80 9.03 32.10
C TRP E 188 -5.98 10.00 32.96
N ARG E 189 -5.55 9.55 34.13
CA ARG E 189 -4.64 10.31 34.97
C ARG E 189 -3.51 9.42 35.51
N SER E 190 -2.32 10.02 35.66
CA SER E 190 -1.08 9.34 36.09
C SER E 190 -0.31 8.65 34.96
N PRO F 26 -2.63 -27.41 17.82
CA PRO F 26 -1.24 -27.74 18.12
C PRO F 26 -0.25 -26.91 17.31
N ALA F 27 1.03 -27.28 17.40
CA ALA F 27 2.11 -26.53 16.77
C ALA F 27 3.35 -27.41 16.60
N TYR F 28 4.11 -27.14 15.55
CA TYR F 28 5.33 -27.89 15.26
C TYR F 28 6.48 -26.93 15.05
N SER F 30 10.68 -26.15 14.11
CA SER F 30 11.95 -26.56 13.54
C SER F 30 13.04 -25.71 14.13
N ILE F 31 14.19 -26.33 14.40
CA ILE F 31 15.36 -25.58 14.80
C ILE F 31 16.58 -26.04 14.07
N THR F 32 17.11 -25.15 13.23
CA THR F 32 18.39 -25.32 12.54
C THR F 32 19.46 -24.56 13.31
N GLY F 33 20.54 -25.23 13.73
CA GLY F 33 21.64 -24.58 14.42
C GLY F 33 22.86 -24.35 13.54
N THR F 34 23.77 -23.48 13.97
CA THR F 34 25.00 -23.23 13.19
C THR F 34 25.98 -24.42 13.19
N LYS F 35 25.92 -25.24 14.25
CA LYS F 35 26.75 -26.43 14.30
C LYS F 35 26.03 -27.72 13.85
N GLN F 36 24.89 -28.02 14.46
CA GLN F 36 24.25 -29.33 14.25
C GLN F 36 23.28 -29.42 13.07
N GLY F 37 23.07 -28.32 12.36
CA GLY F 37 22.10 -28.32 11.27
C GLY F 37 20.69 -28.48 11.82
N LEU F 38 19.83 -29.18 11.07
CA LEU F 38 18.44 -29.33 11.47
C LEU F 38 18.34 -30.19 12.73
N ILE F 39 18.41 -29.53 13.88
CA ILE F 39 18.39 -30.18 15.19
C ILE F 39 17.13 -31.04 15.39
N THR F 40 16.03 -30.62 14.80
CA THR F 40 14.77 -31.34 14.95
C THR F 40 14.55 -32.38 13.84
N ALA F 41 15.59 -32.67 13.06
CA ALA F 41 15.47 -33.70 12.03
C ALA F 41 15.04 -35.04 12.62
N GLY F 42 14.05 -35.68 12.01
CA GLY F 42 13.56 -36.98 12.47
C GLY F 42 13.00 -37.01 13.89
N ALA F 43 12.63 -35.83 14.41
CA ALA F 43 12.19 -35.69 15.79
C ALA F 43 10.68 -35.86 16.03
N PHE F 44 9.88 -35.98 14.98
CA PHE F 44 8.47 -36.35 15.15
C PHE F 44 8.16 -37.60 14.35
N THR F 45 8.69 -38.71 14.83
CA THR F 45 8.64 -39.99 14.14
C THR F 45 8.37 -41.06 15.18
N GLU F 46 8.15 -42.29 14.74
CA GLU F 46 7.98 -43.41 15.67
C GLU F 46 9.18 -43.55 16.63
N ASP F 47 10.39 -43.50 16.09
CA ASP F 47 11.59 -43.65 16.91
C ASP F 47 11.64 -42.58 18.00
N SER F 48 11.29 -41.36 17.62
CA SER F 48 11.42 -40.20 18.51
C SER F 48 10.39 -40.16 19.62
N VAL F 49 9.11 -40.29 19.26
CA VAL F 49 8.03 -40.09 20.23
C VAL F 49 7.10 -41.29 20.44
N GLY F 50 7.47 -42.46 19.93
CA GLY F 50 6.70 -43.67 20.20
C GLY F 50 5.27 -43.57 19.71
N ASN F 51 4.32 -43.94 20.57
CA ASN F 51 2.89 -43.97 20.22
C ASN F 51 2.32 -42.60 19.84
N THR F 52 2.98 -41.54 20.28
CA THR F 52 2.57 -40.16 20.02
C THR F 52 2.67 -39.78 18.53
N TYR F 53 3.48 -40.53 17.78
CA TYR F 53 3.75 -40.24 16.37
C TYR F 53 2.51 -39.91 15.54
N GLN F 54 2.69 -38.99 14.61
CA GLN F 54 1.65 -38.63 13.65
C GLN F 54 2.39 -38.10 12.43
N GLU F 55 2.20 -38.74 11.29
CA GLU F 55 2.92 -38.38 10.08
C GLU F 55 2.65 -36.93 9.65
N GLY F 56 3.53 -36.38 8.83
CA GLY F 56 3.32 -35.05 8.28
C GLY F 56 4.21 -33.96 8.82
N HIS F 57 4.92 -34.24 9.92
CA HIS F 57 5.75 -33.23 10.55
C HIS F 57 7.03 -33.84 11.04
N GLU F 58 7.55 -34.79 10.26
CA GLU F 58 8.68 -35.61 10.67
C GLU F 58 9.86 -34.80 11.22
N ASP F 59 10.23 -33.73 10.55
CA ASP F 59 11.38 -32.94 10.97
C ASP F 59 10.99 -31.74 11.83
N GLN F 60 9.81 -31.82 12.46
CA GLN F 60 9.41 -30.82 13.44
C GLN F 60 9.04 -31.48 14.75
N VAL F 61 9.50 -30.87 15.83
CA VAL F 61 9.09 -31.27 17.16
C VAL F 61 7.72 -30.65 17.48
N VAL F 63 4.96 -28.77 19.67
CA VAL F 63 4.91 -27.80 20.74
C VAL F 63 3.48 -27.70 21.27
N GLN F 64 3.30 -28.02 22.55
CA GLN F 64 1.95 -27.97 23.11
C GLN F 64 1.86 -27.01 24.30
N GLY F 65 2.80 -26.06 24.34
CA GLY F 65 2.83 -25.01 25.33
C GLY F 65 3.69 -23.90 24.80
N PHE F 66 3.20 -22.67 24.91
CA PHE F 66 3.96 -21.53 24.43
C PHE F 66 3.71 -20.34 25.35
N ASN F 67 4.77 -19.57 25.60
CA ASN F 67 4.69 -18.31 26.33
C ASN F 67 5.76 -17.33 25.80
N HIS F 68 5.33 -16.14 25.44
CA HIS F 68 6.25 -15.11 24.95
C HIS F 68 5.61 -13.77 25.15
N GLU F 69 6.41 -12.72 25.25
CA GLU F 69 5.78 -11.43 25.45
C GLU F 69 6.69 -10.27 25.23
N VAL F 70 6.08 -9.22 24.71
CA VAL F 70 6.75 -7.96 24.44
C VAL F 70 6.05 -6.86 25.24
N ILE F 71 6.81 -5.86 25.67
CA ILE F 71 6.25 -4.86 26.54
C ILE F 71 6.94 -3.51 26.45
N ILE F 72 6.14 -2.45 26.40
CA ILE F 72 6.66 -1.10 26.48
C ILE F 72 6.68 -0.64 27.93
N GLY F 83 10.54 6.14 24.98
CA GLY F 83 10.62 4.83 25.59
C GLY F 83 10.33 3.73 24.56
N GLN F 84 11.33 2.89 24.28
CA GLN F 84 11.16 1.82 23.30
C GLN F 84 10.89 0.43 23.90
N ARG F 85 10.47 -0.50 23.04
CA ARG F 85 10.07 -1.85 23.44
C ARG F 85 11.24 -2.76 23.83
N VAL F 86 11.06 -3.57 24.87
CA VAL F 86 12.00 -4.62 25.22
C VAL F 86 11.35 -5.99 24.97
N HIS F 87 12.14 -6.96 24.52
CA HIS F 87 11.62 -8.31 24.30
C HIS F 87 11.88 -9.25 25.49
N LYS F 88 11.03 -10.28 25.56
CA LYS F 88 11.18 -11.37 26.53
C LYS F 88 11.40 -12.71 25.83
N PRO F 89 12.03 -13.67 26.51
CA PRO F 89 12.35 -14.93 25.83
C PRO F 89 11.09 -15.62 25.38
N VAL F 90 11.19 -16.37 24.28
CA VAL F 90 10.09 -17.20 23.84
C VAL F 90 10.22 -18.51 24.60
N VAL F 91 9.16 -18.91 25.28
CA VAL F 91 9.20 -20.16 26.02
C VAL F 91 8.34 -21.19 25.33
N ILE F 92 8.88 -22.37 25.14
CA ILE F 92 8.09 -23.42 24.52
C ILE F 92 8.19 -24.70 25.34
N THR F 93 7.11 -25.45 25.41
CA THR F 93 7.10 -26.70 26.13
C THR F 93 6.94 -27.84 25.14
N LYS F 94 7.87 -28.79 25.14
CA LYS F 94 7.76 -29.97 24.29
C LYS F 94 7.79 -31.23 25.17
N VAL F 95 7.69 -32.42 24.56
CA VAL F 95 7.93 -33.65 25.31
C VAL F 95 9.38 -34.08 25.11
N PHE F 96 9.82 -35.08 25.87
CA PHE F 96 11.16 -35.61 25.65
C PHE F 96 11.14 -36.27 24.28
N ASP F 97 12.17 -36.00 23.46
CA ASP F 97 12.26 -36.59 22.12
C ASP F 97 13.69 -36.54 21.55
N LYS F 98 13.85 -36.98 20.30
CA LYS F 98 15.17 -37.07 19.68
C LYS F 98 15.98 -35.77 19.71
N ALA F 99 15.30 -34.63 19.65
CA ALA F 99 15.95 -33.32 19.64
C ALA F 99 16.48 -32.94 21.01
N SER F 100 15.91 -33.55 22.04
CA SER F 100 16.10 -33.05 23.40
C SER F 100 17.57 -32.94 23.73
N PRO F 101 18.29 -34.08 23.67
CA PRO F 101 19.73 -34.03 23.95
C PRO F 101 20.44 -32.97 23.10
N LEU F 102 20.06 -32.83 21.84
CA LEU F 102 20.73 -31.89 20.94
C LEU F 102 20.51 -30.46 21.42
N LEU F 103 19.30 -30.20 21.87
CA LEU F 103 18.92 -28.96 22.54
C LEU F 103 19.70 -28.68 23.81
N LEU F 104 19.81 -29.69 24.68
CA LEU F 104 20.54 -29.53 25.93
C LEU F 104 21.99 -29.27 25.62
N ALA F 105 22.41 -29.75 24.45
CA ALA F 105 23.75 -29.47 23.97
C ALA F 105 23.82 -28.02 23.50
N ALA F 106 22.89 -27.66 22.60
CA ALA F 106 22.80 -26.31 22.08
C ALA F 106 22.84 -25.27 23.21
N LEU F 107 22.35 -25.67 24.38
CA LEU F 107 22.26 -24.76 25.52
C LEU F 107 23.59 -24.65 26.26
N THR F 108 24.19 -25.79 26.58
CA THR F 108 25.44 -25.78 27.33
C THR F 108 26.65 -25.44 26.45
N SER F 109 26.44 -25.46 25.13
CA SER F 109 27.50 -25.07 24.21
C SER F 109 27.43 -23.58 23.92
N GLY F 110 26.22 -23.02 24.01
CA GLY F 110 25.99 -21.64 23.61
C GLY F 110 25.83 -21.46 22.10
N GLU F 111 25.43 -22.53 21.43
CA GLU F 111 25.30 -22.53 19.98
C GLU F 111 24.14 -21.64 19.52
N ARG F 112 24.42 -20.79 18.53
CA ARG F 112 23.45 -19.85 17.97
C ARG F 112 22.47 -20.54 17.03
N LEU F 113 21.19 -20.56 17.41
CA LEU F 113 20.18 -21.14 16.55
C LEU F 113 19.91 -20.22 15.36
N THR F 114 20.42 -20.58 14.18
CA THR F 114 20.18 -19.75 12.99
C THR F 114 18.68 -19.49 12.77
N LYS F 115 17.86 -20.51 13.00
CA LYS F 115 16.42 -20.40 12.80
C LYS F 115 15.66 -21.28 13.77
N VAL F 116 14.72 -20.66 14.49
CA VAL F 116 13.72 -21.39 15.24
C VAL F 116 12.40 -20.98 14.62
N GLU F 117 11.55 -21.94 14.26
CA GLU F 117 10.32 -21.63 13.56
C GLU F 117 9.11 -22.40 14.07
N ILE F 118 8.11 -21.68 14.58
CA ILE F 118 6.89 -22.29 15.09
CA ILE F 118 6.88 -22.27 15.10
C ILE F 118 5.70 -22.11 14.13
N GLN F 119 5.15 -23.22 13.65
CA GLN F 119 4.00 -23.21 12.79
C GLN F 119 2.78 -23.63 13.58
N TRP F 120 1.80 -22.73 13.68
CA TRP F 120 0.62 -22.99 14.48
C TRP F 120 -0.54 -23.47 13.58
N TYR F 121 -1.17 -24.56 13.99
CA TYR F 121 -2.27 -25.15 13.23
C TYR F 121 -3.60 -24.95 13.96
N ARG F 122 -4.68 -25.06 13.20
CA ARG F 122 -6.01 -24.91 13.74
C ARG F 122 -6.94 -25.68 12.83
N THR F 123 -8.19 -25.87 13.26
CA THR F 123 -9.21 -26.47 12.41
C THR F 123 -9.79 -25.40 11.48
N SER F 124 -9.68 -25.63 10.18
CA SER F 124 -10.14 -24.67 9.20
C SER F 124 -11.66 -24.53 9.30
N ALA F 125 -12.20 -23.50 8.65
CA ALA F 125 -13.64 -23.31 8.63
C ALA F 125 -14.38 -24.50 8.03
N ALA F 126 -13.75 -25.17 7.06
CA ALA F 126 -14.34 -26.31 6.34
C ALA F 126 -14.16 -27.64 7.06
N GLY F 127 -13.37 -27.61 8.13
CA GLY F 127 -13.22 -28.75 9.01
C GLY F 127 -11.90 -29.49 8.91
N THR F 128 -10.88 -28.83 8.39
CA THR F 128 -9.60 -29.47 8.10
C THR F 128 -8.45 -28.83 8.87
N GLN F 129 -7.44 -29.62 9.23
CA GLN F 129 -6.26 -29.08 9.92
C GLN F 129 -5.44 -28.22 8.99
N GLU F 130 -5.23 -26.97 9.36
CA GLU F 130 -4.51 -26.05 8.50
C GLU F 130 -3.47 -25.24 9.25
N HIS F 131 -2.34 -25.03 8.59
CA HIS F 131 -1.27 -24.20 9.11
C HIS F 131 -1.62 -22.72 8.89
N TYR F 132 -1.92 -22.01 9.97
CA TYR F 132 -2.49 -20.69 9.83
C TYR F 132 -1.66 -19.57 10.45
N TYR F 133 -0.55 -19.90 11.09
CA TYR F 133 0.27 -18.88 11.74
C TYR F 133 1.71 -19.36 11.90
N THR F 134 2.65 -18.40 11.91
CA THR F 134 4.07 -18.70 12.06
CA THR F 134 4.05 -18.72 12.10
C THR F 134 4.74 -17.63 12.93
N THR F 135 5.64 -18.07 13.80
CA THR F 135 6.45 -17.19 14.62
C THR F 135 7.88 -17.68 14.44
N VAL F 136 8.73 -16.84 13.88
CA VAL F 136 10.08 -17.26 13.56
C VAL F 136 11.12 -16.42 14.27
N LEU F 137 12.05 -17.09 14.94
CA LEU F 137 13.18 -16.40 15.53
C LEU F 137 14.42 -16.61 14.69
N GLU F 138 15.16 -15.52 14.48
CA GLU F 138 16.46 -15.51 13.81
C GLU F 138 17.56 -15.34 14.87
N ASP F 139 18.62 -16.15 14.78
CA ASP F 139 19.72 -16.12 15.74
C ASP F 139 19.25 -16.17 17.20
N ALA F 140 18.44 -17.16 17.50
CA ALA F 140 17.95 -17.34 18.84
C ALA F 140 19.00 -18.09 19.65
N ILE F 141 18.92 -17.97 20.97
CA ILE F 141 19.81 -18.69 21.87
C ILE F 141 18.97 -19.35 22.95
N ILE F 142 19.25 -20.62 23.25
CA ILE F 142 18.59 -21.29 24.40
C ILE F 142 19.22 -20.82 25.73
N VAL F 143 18.43 -20.18 26.58
CA VAL F 143 18.96 -19.66 27.82
C VAL F 143 18.46 -20.37 29.08
N ASP F 144 17.64 -21.41 28.88
CA ASP F 144 17.14 -22.20 29.99
C ASP F 144 16.37 -23.41 29.47
N ILE F 145 16.59 -24.56 30.10
CA ILE F 145 15.80 -25.76 29.83
C ILE F 145 15.41 -26.47 31.13
N LYS F 146 14.12 -26.77 31.24
CA LYS F 146 13.57 -27.43 32.43
C LYS F 146 12.90 -28.74 32.01
N ASP F 147 13.39 -29.84 32.58
CA ASP F 147 12.84 -31.18 32.32
C ASP F 147 12.05 -31.59 33.55
N TYR F 148 10.89 -32.21 33.35
CA TYR F 148 10.01 -32.54 34.47
C TYR F 148 8.88 -33.50 34.11
N THR F 161 3.41 -36.39 29.30
CA THR F 161 3.85 -36.88 30.60
C THR F 161 5.31 -36.51 30.93
N HIS F 162 6.24 -36.73 30.00
CA HIS F 162 7.64 -36.33 30.21
C HIS F 162 7.97 -35.05 29.44
N LEU F 163 8.03 -33.91 30.14
CA LEU F 163 8.03 -32.61 29.50
C LEU F 163 9.30 -31.81 29.61
N GLU F 164 9.43 -30.79 28.78
CA GLU F 164 10.63 -30.01 28.71
C GLU F 164 10.40 -28.62 28.11
N ASP F 165 10.71 -27.60 28.90
CA ASP F 165 10.57 -26.21 28.48
C ASP F 165 11.87 -25.79 27.87
N VAL F 166 11.77 -24.87 26.90
CA VAL F 166 12.94 -24.26 26.28
C VAL F 166 12.74 -22.76 26.13
N HIS F 167 13.67 -21.97 26.65
CA HIS F 167 13.62 -20.52 26.47
C HIS F 167 14.64 -20.09 25.44
N PHE F 168 14.24 -19.17 24.56
CA PHE F 168 15.14 -18.59 23.56
C PHE F 168 15.13 -17.07 23.70
N THR F 169 16.30 -16.44 23.70
CA THR F 169 16.37 -15.04 23.29
C THR F 169 16.79 -15.08 21.83
N TYR F 170 16.76 -13.94 21.16
CA TYR F 170 17.02 -13.88 19.72
C TYR F 170 17.39 -12.47 19.32
N ARG F 171 17.47 -12.26 18.02
CA ARG F 171 17.82 -10.97 17.48
C ARG F 171 16.64 -10.40 16.70
N LYS F 172 15.78 -11.28 16.17
CA LYS F 172 14.65 -10.82 15.38
C LYS F 172 13.56 -11.87 15.30
N ILE F 173 12.35 -11.44 15.61
CA ILE F 173 11.21 -12.33 15.56
C ILE F 173 10.27 -11.82 14.51
N THR F 174 9.57 -12.74 13.87
CA THR F 174 8.63 -12.40 12.83
C THR F 174 7.31 -13.10 13.12
N TRP F 175 6.21 -12.44 12.80
CA TRP F 175 4.87 -12.98 13.03
C TRP F 175 4.08 -12.87 11.75
N THR F 176 3.61 -14.00 11.23
CA THR F 176 2.82 -13.96 10.01
C THR F 176 1.51 -14.71 10.14
N HIS F 177 0.40 -14.10 9.74
CA HIS F 177 -0.86 -14.85 9.65
C HIS F 177 -1.04 -15.37 8.22
N GLU F 178 -1.00 -16.70 8.09
CA GLU F 178 -0.82 -17.40 6.82
C GLU F 178 -2.05 -17.44 5.90
N VAL F 179 -3.24 -17.42 6.49
CA VAL F 179 -4.50 -17.47 5.74
C VAL F 179 -5.06 -16.08 5.42
N SER F 180 -4.73 -15.10 6.28
CA SER F 180 -5.23 -13.74 6.13
C SER F 180 -4.16 -12.80 5.57
N GLY F 181 -2.94 -13.28 5.50
CA GLY F 181 -1.87 -12.54 4.86
C GLY F 181 -1.49 -11.25 5.56
N THR F 182 -1.31 -11.34 6.86
CA THR F 182 -0.78 -10.22 7.63
C THR F 182 0.55 -10.65 8.25
N SER F 183 1.42 -9.69 8.47
CA SER F 183 2.70 -9.98 9.11
C SER F 183 3.30 -8.73 9.74
N GLY F 184 4.22 -8.94 10.70
CA GLY F 184 5.01 -7.90 11.33
C GLY F 184 6.24 -8.57 11.93
N SER F 185 7.20 -7.79 12.42
CA SER F 185 8.41 -8.36 13.04
C SER F 185 9.19 -7.28 13.73
N ASP F 186 10.14 -7.67 14.57
CA ASP F 186 10.81 -6.71 15.42
C ASP F 186 12.13 -7.22 15.93
N ASP F 187 13.11 -6.34 15.94
CA ASP F 187 14.41 -6.67 16.49
C ASP F 187 14.26 -6.79 17.99
N TRP F 188 14.93 -7.77 18.55
CA TRP F 188 15.06 -7.89 19.98
C TRP F 188 15.65 -6.63 20.61
N ARG F 189 15.19 -6.33 21.82
CA ARG F 189 15.69 -5.20 22.58
C ARG F 189 14.92 -5.12 23.89
#